data_3DC8
#
_entry.id   3DC8
#
_cell.length_a   124.887
_cell.length_b   126.281
_cell.length_c   196.104
_cell.angle_alpha   90.000
_cell.angle_beta   90.000
_cell.angle_gamma   90.000
#
_symmetry.space_group_name_H-M   'C 2 2 21'
#
loop_
_entity.id
_entity.type
_entity.pdbx_description
1 polymer Dihydropyrimidinase
2 non-polymer 'ZINC ION'
3 non-polymer 'ACETATE ION'
4 non-polymer GLYCEROL
5 water water
#
_entity_poly.entity_id   1
_entity_poly.type   'polypeptide(L)'
_entity_poly.pdbx_seq_one_letter_code
;MSTVIKGGTIVTADLTYKADVKVEGGRIVEIGPNLSGAETLDATGCYVMPGGIDPHTHLEMPFMGTYSSDDFESGTRAAL
AGGTTMVVDFALPSPGQSLLEALTMWDNKSTRANCDYSFHMAITWWGEQVFNEMETIVKDKGINTF(KCX)HFMAYKGAL
MVDDDEMFSSFQRCAALGALPLVHAENGDVVAQLQAKLLAEGNSGPEAHAYSRPAEVEGEAANRAIMIADMAGCPVYIVH
TSCEQAHEAIRRARAKGMRVFGEPLIQHLTLDETEYFDKDWDHAARRVMSPPFRNKLHQDSLWAGLASGSLQVVATDHCA
FTTEQKRFGVGDFTRIPNGTGGLEDRMPMLWTYGVATGRITMNEFVAVTSTNIAKILNIYPKKGAILVGADADLVVWDPK
RSKTISAKTQQSAIDYNVFEGKTVTGLPRFTLTRGVVSIEEGTVKTQEGHGEFVRRDPFPAVSTALSTWKEVTAPRAVQR
SGIPASGVHHHHHH
;
_entity_poly.pdbx_strand_id   A,B
#
loop_
_chem_comp.id
_chem_comp.type
_chem_comp.name
_chem_comp.formula
ACT non-polymer 'ACETATE ION' 'C2 H3 O2 -1'
GOL non-polymer GLYCEROL 'C3 H8 O3'
ZN non-polymer 'ZINC ION' 'Zn 2'
#
# COMPACT_ATOMS: atom_id res chain seq x y z
N SER A 2 -24.72 26.09 -7.01
CA SER A 2 -23.73 25.11 -6.45
C SER A 2 -23.32 25.52 -5.03
N THR A 3 -22.57 24.67 -4.38
CA THR A 3 -22.01 24.92 -3.08
C THR A 3 -20.51 24.79 -3.18
N VAL A 4 -19.81 25.80 -2.72
CA VAL A 4 -18.31 25.74 -2.68
C VAL A 4 -17.82 25.60 -1.25
N ILE A 5 -17.03 24.57 -1.01
CA ILE A 5 -16.27 24.41 0.25
C ILE A 5 -14.97 25.17 0.13
N LYS A 6 -14.90 26.29 0.85
CA LYS A 6 -13.88 27.31 0.57
C LYS A 6 -12.74 27.42 1.61
N GLY A 7 -11.51 27.49 1.14
CA GLY A 7 -10.40 27.89 1.96
C GLY A 7 -9.74 26.76 2.73
N GLY A 8 -10.15 25.52 2.50
CA GLY A 8 -9.58 24.35 3.23
C GLY A 8 -8.38 23.70 2.54
N THR A 9 -7.80 22.73 3.24
CA THR A 9 -6.76 21.90 2.65
C THR A 9 -7.38 20.54 2.33
N ILE A 10 -7.37 20.18 1.05
CA ILE A 10 -7.82 18.82 0.67
C ILE A 10 -6.81 17.79 1.11
N VAL A 11 -7.32 16.72 1.73
CA VAL A 11 -6.52 15.57 2.09
C VAL A 11 -7.25 14.32 1.56
N THR A 12 -6.56 13.58 0.69
CA THR A 12 -7.12 12.26 0.22
C THR A 12 -6.07 11.19 0.60
N ALA A 13 -6.34 9.93 0.24
CA ALA A 13 -5.29 8.87 0.46
C ALA A 13 -4.09 9.11 -0.52
N ASP A 14 -4.33 9.91 -1.58
CA ASP A 14 -3.35 10.08 -2.68
C ASP A 14 -2.45 11.33 -2.44
N LEU A 15 -3.04 12.40 -1.98
CA LEU A 15 -2.26 13.65 -1.76
C LEU A 15 -2.94 14.69 -0.90
N THR A 16 -2.18 15.72 -0.57
CA THR A 16 -2.62 16.82 0.29
C THR A 16 -2.33 18.14 -0.44
N TYR A 17 -3.36 18.98 -0.59
CA TYR A 17 -3.18 20.27 -1.28
C TYR A 17 -4.29 21.23 -0.98
N LYS A 18 -3.95 22.52 -0.95
CA LYS A 18 -4.94 23.54 -0.76
C LYS A 18 -5.77 23.78 -2.07
N ALA A 19 -7.09 23.64 -1.94
CA ALA A 19 -7.99 23.97 -3.02
C ALA A 19 -9.44 24.07 -2.46
N ASP A 20 -10.29 24.80 -3.20
CA ASP A 20 -11.75 24.80 -2.95
C ASP A 20 -12.39 23.60 -3.66
N VAL A 21 -13.58 23.19 -3.19
CA VAL A 21 -14.29 22.08 -3.79
C VAL A 21 -15.69 22.56 -4.14
N LYS A 22 -16.07 22.43 -5.39
CA LYS A 22 -17.40 22.82 -5.82
C LYS A 22 -18.29 21.59 -6.00
N VAL A 23 -19.49 21.66 -5.43
CA VAL A 23 -20.41 20.55 -5.40
C VAL A 23 -21.75 20.97 -6.09
N GLU A 24 -22.27 20.09 -6.96
CA GLU A 24 -23.50 20.32 -7.75
CA GLU A 24 -23.55 20.29 -7.59
C GLU A 24 -24.16 18.99 -7.98
N GLY A 25 -25.44 18.90 -7.73
CA GLY A 25 -26.23 17.70 -8.06
C GLY A 25 -25.69 16.45 -7.37
N GLY A 26 -25.23 16.60 -6.14
CA GLY A 26 -24.77 15.48 -5.34
C GLY A 26 -23.31 15.04 -5.62
N ARG A 27 -22.65 15.74 -6.56
CA ARG A 27 -21.28 15.31 -7.04
C ARG A 27 -20.30 16.44 -6.98
N ILE A 28 -19.01 16.08 -6.86
CA ILE A 28 -17.94 17.07 -6.95
C ILE A 28 -17.79 17.42 -8.40
N VAL A 29 -17.95 18.72 -8.71
CA VAL A 29 -17.88 19.15 -10.12
C VAL A 29 -16.60 19.92 -10.48
N GLU A 30 -15.93 20.46 -9.47
CA GLU A 30 -14.76 21.27 -9.77
C GLU A 30 -13.89 21.31 -8.51
N ILE A 31 -12.58 21.27 -8.71
CA ILE A 31 -11.65 21.40 -7.58
C ILE A 31 -10.58 22.40 -8.07
N GLY A 32 -10.30 23.44 -7.32
CA GLY A 32 -9.27 24.37 -7.76
C GLY A 32 -9.26 25.58 -6.85
N PRO A 33 -8.40 26.54 -7.15
CA PRO A 33 -8.37 27.75 -6.29
C PRO A 33 -9.49 28.75 -6.62
N ASN A 34 -9.90 29.52 -5.62
CA ASN A 34 -10.80 30.66 -5.80
C ASN A 34 -12.08 30.33 -6.58
N LEU A 35 -12.73 29.27 -6.19
CA LEU A 35 -14.00 28.92 -6.78
C LEU A 35 -15.13 29.74 -6.11
N SER A 36 -16.21 29.96 -6.82
CA SER A 36 -17.34 30.60 -6.17
C SER A 36 -18.66 29.95 -6.58
N GLY A 37 -19.64 30.01 -5.69
CA GLY A 37 -20.94 29.39 -5.94
C GLY A 37 -22.06 30.12 -5.21
N ALA A 38 -23.28 29.59 -5.27
CA ALA A 38 -24.46 30.27 -4.64
C ALA A 38 -24.38 30.17 -3.10
N GLU A 39 -23.84 29.06 -2.61
CA GLU A 39 -23.67 28.80 -1.19
C GLU A 39 -22.22 28.53 -0.92
N THR A 40 -21.74 28.97 0.23
CA THR A 40 -20.34 28.77 0.62
C THR A 40 -20.31 28.08 2.00
N LEU A 41 -19.43 27.11 2.15
CA LEU A 41 -19.09 26.56 3.43
C LEU A 41 -17.67 26.96 3.79
N ASP A 42 -17.49 27.59 4.96
CA ASP A 42 -16.16 28.05 5.35
C ASP A 42 -15.28 26.91 5.88
N ALA A 43 -14.27 26.50 5.09
CA ALA A 43 -13.35 25.43 5.49
C ALA A 43 -11.96 25.99 5.89
N THR A 44 -11.88 27.30 6.16
CA THR A 44 -10.60 27.88 6.54
CA THR A 44 -10.59 27.88 6.56
C THR A 44 -10.09 27.21 7.84
N GLY A 45 -8.81 26.83 7.82
CA GLY A 45 -8.19 26.13 8.96
C GLY A 45 -8.57 24.65 9.07
N CYS A 46 -9.31 24.13 8.06
CA CYS A 46 -9.85 22.79 8.10
C CYS A 46 -9.23 21.87 7.06
N TYR A 47 -9.35 20.58 7.29
CA TYR A 47 -9.00 19.57 6.28
C TYR A 47 -10.28 19.01 5.67
N VAL A 48 -10.32 18.95 4.33
CA VAL A 48 -11.48 18.52 3.59
C VAL A 48 -11.14 17.12 3.07
N MET A 49 -11.89 16.12 3.59
CA MET A 49 -11.57 14.72 3.28
C MET A 49 -12.79 13.97 2.78
N PRO A 50 -12.57 12.83 2.10
CA PRO A 50 -13.75 12.00 1.72
C PRO A 50 -14.46 11.61 3.04
N GLY A 51 -15.78 11.58 3.01
CA GLY A 51 -16.55 11.07 4.13
C GLY A 51 -16.10 9.65 4.46
N GLY A 52 -16.07 9.32 5.77
CA GLY A 52 -15.71 7.96 6.21
C GLY A 52 -16.66 6.92 5.61
N ILE A 53 -16.11 5.70 5.39
CA ILE A 53 -16.97 4.59 5.02
C ILE A 53 -16.75 3.53 6.13
N ASP A 54 -17.82 3.20 6.86
CA ASP A 54 -17.65 2.13 7.91
C ASP A 54 -18.33 0.87 7.41
N PRO A 55 -17.54 -0.12 6.95
CA PRO A 55 -18.13 -1.31 6.27
C PRO A 55 -18.60 -2.41 7.25
N HIS A 56 -18.74 -2.06 8.51
CA HIS A 56 -19.02 -3.10 9.51
C HIS A 56 -20.04 -2.64 10.53
N THR A 57 -21.31 -2.73 10.14
CA THR A 57 -22.42 -2.33 11.04
C THR A 57 -23.46 -3.42 11.13
N HIS A 58 -24.21 -3.38 12.25
CA HIS A 58 -25.28 -4.33 12.55
C HIS A 58 -26.46 -3.53 13.09
N LEU A 59 -27.13 -2.82 12.19
CA LEU A 59 -28.19 -1.90 12.58
C LEU A 59 -29.54 -2.64 12.59
N GLU A 60 -30.27 -2.52 13.70
CA GLU A 60 -31.53 -3.30 13.89
C GLU A 60 -31.34 -4.82 13.54
N MET A 61 -30.28 -5.41 14.08
CA MET A 61 -29.94 -6.76 13.78
C MET A 61 -30.58 -7.74 14.81
N PRO A 62 -31.27 -8.81 14.35
CA PRO A 62 -31.80 -9.81 15.29
C PRO A 62 -30.57 -10.61 15.82
N PHE A 63 -30.37 -10.67 17.13
CA PHE A 63 -29.18 -11.33 17.63
C PHE A 63 -29.38 -11.68 19.09
N MET A 64 -29.05 -12.92 19.43
CA MET A 64 -28.98 -13.36 20.87
C MET A 64 -30.25 -13.00 21.67
N GLY A 65 -31.43 -13.31 21.08
CA GLY A 65 -32.72 -13.20 21.79
C GLY A 65 -33.39 -11.83 21.68
N THR A 66 -32.69 -10.88 21.08
CA THR A 66 -33.23 -9.52 20.96
C THR A 66 -32.74 -8.87 19.61
N TYR A 67 -32.72 -7.53 19.53
CA TYR A 67 -32.21 -6.78 18.35
C TYR A 67 -31.31 -5.68 18.83
N SER A 68 -30.26 -5.38 18.06
CA SER A 68 -29.43 -4.20 18.33
C SER A 68 -30.36 -2.93 18.29
N SER A 69 -29.98 -1.95 19.12
CA SER A 69 -30.80 -0.81 19.46
C SER A 69 -30.43 0.46 18.72
N ASP A 70 -29.36 0.43 17.93
CA ASP A 70 -29.25 1.45 16.85
C ASP A 70 -29.76 0.86 15.57
N ASP A 71 -30.69 1.57 14.93
CA ASP A 71 -31.26 1.12 13.67
C ASP A 71 -30.64 1.92 12.51
N PHE A 72 -31.20 1.78 11.30
CA PHE A 72 -30.62 2.53 10.15
C PHE A 72 -30.62 4.05 10.34
N GLU A 73 -31.73 4.54 10.88
CA GLU A 73 -31.83 6.00 11.15
C GLU A 73 -30.80 6.42 12.20
N SER A 74 -30.80 5.81 13.38
CA SER A 74 -29.90 6.34 14.45
C SER A 74 -28.43 6.04 14.16
N GLY A 75 -28.18 4.88 13.53
CA GLY A 75 -26.79 4.51 13.19
C GLY A 75 -26.22 5.48 12.13
N THR A 76 -27.01 5.77 11.11
CA THR A 76 -26.49 6.66 10.01
C THR A 76 -26.37 8.13 10.54
N ARG A 77 -27.27 8.53 11.46
CA ARG A 77 -27.14 9.82 12.13
C ARG A 77 -25.85 9.93 12.98
N ALA A 78 -25.62 8.90 13.83
CA ALA A 78 -24.37 8.75 14.57
C ALA A 78 -23.14 8.80 13.60
N ALA A 79 -23.21 8.07 12.45
CA ALA A 79 -22.09 8.01 11.53
C ALA A 79 -21.80 9.44 11.05
N LEU A 80 -22.85 10.14 10.59
CA LEU A 80 -22.67 11.48 9.99
C LEU A 80 -22.03 12.46 11.05
N ALA A 81 -22.47 12.34 12.27
CA ALA A 81 -21.98 13.21 13.35
C ALA A 81 -20.46 13.02 13.59
N GLY A 82 -19.94 11.83 13.30
CA GLY A 82 -18.51 11.55 13.44
C GLY A 82 -17.77 11.59 12.12
N GLY A 83 -18.40 12.14 11.05
CA GLY A 83 -17.66 12.32 9.77
C GLY A 83 -17.78 11.15 8.76
N THR A 84 -18.60 10.14 9.12
CA THR A 84 -18.79 8.92 8.32
C THR A 84 -20.09 9.08 7.46
N THR A 85 -19.96 8.84 6.17
CA THR A 85 -21.04 9.17 5.22
C THR A 85 -21.57 7.90 4.50
N MET A 86 -21.02 6.73 4.84
CA MET A 86 -21.54 5.48 4.31
C MET A 86 -21.33 4.33 5.31
N VAL A 87 -22.36 3.47 5.44
CA VAL A 87 -22.23 2.28 6.23
C VAL A 87 -22.46 1.03 5.33
N VAL A 88 -21.83 -0.09 5.67
CA VAL A 88 -22.17 -1.36 5.01
C VAL A 88 -22.57 -2.30 6.12
N ASP A 89 -23.80 -2.78 6.03
CA ASP A 89 -24.44 -3.60 7.02
C ASP A 89 -24.49 -5.06 6.58
N PHE A 90 -24.75 -5.97 7.49
CA PHE A 90 -24.76 -7.37 7.12
C PHE A 90 -26.18 -7.89 7.08
N ALA A 91 -26.65 -8.25 5.87
CA ALA A 91 -27.93 -8.95 5.69
C ALA A 91 -27.81 -10.39 6.23
N LEU A 92 -28.66 -10.76 7.17
CA LEU A 92 -28.52 -12.11 7.80
C LEU A 92 -29.67 -13.06 7.55
N PRO A 93 -29.50 -14.04 6.65
CA PRO A 93 -30.60 -15.02 6.55
C PRO A 93 -30.76 -15.96 7.76
N SER A 94 -32.05 -16.27 8.04
CA SER A 94 -32.62 -17.58 8.52
C SER A 94 -33.42 -17.45 9.78
N GLY A 96 -32.04 -21.75 7.22
CA GLY A 96 -32.37 -22.20 5.84
C GLY A 96 -33.27 -21.24 4.99
N GLN A 97 -33.24 -19.94 5.34
CA GLN A 97 -34.01 -18.86 4.63
C GLN A 97 -33.19 -18.37 3.42
N SER A 98 -33.91 -18.17 2.31
CA SER A 98 -33.36 -17.59 1.09
C SER A 98 -32.53 -16.31 1.30
N LEU A 99 -31.36 -16.25 0.60
CA LEU A 99 -30.58 -15.00 0.54
C LEU A 99 -31.45 -13.85 -0.01
N LEU A 100 -32.36 -14.17 -0.95
CA LEU A 100 -33.17 -13.14 -1.54
C LEU A 100 -34.22 -12.62 -0.55
N GLU A 101 -34.77 -13.50 0.27
CA GLU A 101 -35.74 -13.04 1.29
C GLU A 101 -35.03 -12.14 2.34
N ALA A 102 -33.82 -12.54 2.74
CA ALA A 102 -33.01 -11.70 3.67
C ALA A 102 -32.71 -10.32 3.06
N LEU A 103 -32.36 -10.30 1.78
CA LEU A 103 -32.13 -9.02 1.11
C LEU A 103 -33.35 -8.08 1.13
N THR A 104 -34.49 -8.60 0.77
CA THR A 104 -35.76 -7.85 0.85
C THR A 104 -35.98 -7.30 2.30
N MET A 105 -35.73 -8.16 3.30
CA MET A 105 -35.91 -7.76 4.69
C MET A 105 -34.99 -6.56 5.00
N TRP A 106 -33.74 -6.63 4.53
CA TRP A 106 -32.75 -5.56 4.80
C TRP A 106 -33.07 -4.26 4.01
N ASP A 107 -33.55 -4.39 2.77
CA ASP A 107 -34.11 -3.23 2.03
C ASP A 107 -35.20 -2.55 2.90
N ASN A 108 -36.09 -3.35 3.45
CA ASN A 108 -37.18 -2.83 4.24
C ASN A 108 -36.67 -2.09 5.51
N LYS A 109 -35.57 -2.55 6.07
CA LYS A 109 -34.97 -2.01 7.30
C LYS A 109 -34.32 -0.66 7.06
N SER A 110 -33.97 -0.34 5.81
CA SER A 110 -33.01 0.71 5.57
C SER A 110 -33.69 1.95 4.99
N THR A 111 -35.01 1.98 5.01
CA THR A 111 -35.78 3.10 4.34
C THR A 111 -35.57 4.49 4.99
N ARG A 112 -35.20 4.53 6.27
CA ARG A 112 -35.01 5.82 6.92
C ARG A 112 -33.53 6.25 7.05
N ALA A 113 -32.63 5.55 6.33
CA ALA A 113 -31.17 5.87 6.37
C ALA A 113 -30.90 7.37 5.99
N ASN A 114 -29.99 8.02 6.75
CA ASN A 114 -29.67 9.46 6.57
C ASN A 114 -28.53 9.66 5.59
N CYS A 115 -27.79 8.56 5.33
CA CYS A 115 -26.66 8.61 4.39
C CYS A 115 -26.68 7.28 3.60
N ASP A 116 -25.85 7.16 2.59
CA ASP A 116 -25.88 5.98 1.78
C ASP A 116 -25.24 4.78 2.44
N TYR A 117 -25.46 3.59 1.89
CA TYR A 117 -25.45 2.34 2.67
C TYR A 117 -25.33 1.23 1.59
N SER A 118 -24.80 0.09 1.97
CA SER A 118 -24.89 -1.03 1.17
C SER A 118 -24.94 -2.23 2.10
N PHE A 119 -24.95 -3.45 1.53
CA PHE A 119 -25.00 -4.67 2.34
C PHE A 119 -23.96 -5.68 1.98
N HIS A 120 -23.51 -6.47 2.96
CA HIS A 120 -22.82 -7.74 2.68
C HIS A 120 -23.90 -8.82 2.87
N MET A 121 -23.81 -9.94 2.13
CA MET A 121 -24.77 -11.01 2.33
C MET A 121 -24.11 -12.14 3.18
N ALA A 122 -24.72 -12.52 4.31
CA ALA A 122 -24.10 -13.61 5.13
C ALA A 122 -24.57 -14.97 4.60
N ILE A 123 -23.62 -15.89 4.53
CA ILE A 123 -23.84 -17.30 4.15
C ILE A 123 -23.88 -18.07 5.46
N THR A 124 -25.09 -18.34 5.97
CA THR A 124 -25.27 -18.83 7.36
C THR A 124 -25.61 -20.30 7.35
N TRP A 125 -25.69 -20.84 6.15
CA TRP A 125 -25.96 -22.27 5.88
C TRP A 125 -25.55 -22.55 4.43
N TRP A 126 -25.43 -23.83 4.05
CA TRP A 126 -24.95 -24.14 2.70
C TRP A 126 -25.81 -25.18 2.00
N GLY A 127 -26.07 -24.96 0.70
CA GLY A 127 -26.83 -25.91 -0.10
C GLY A 127 -26.95 -25.48 -1.53
N GLU A 128 -27.68 -26.25 -2.33
CA GLU A 128 -27.88 -25.87 -3.74
C GLU A 128 -28.56 -24.50 -3.89
N GLN A 129 -29.55 -24.23 -3.06
CA GLN A 129 -30.29 -22.93 -3.17
C GLN A 129 -29.33 -21.76 -2.91
N VAL A 130 -28.47 -21.89 -1.89
CA VAL A 130 -27.50 -20.84 -1.61
C VAL A 130 -26.51 -20.64 -2.75
N PHE A 131 -25.92 -21.75 -3.21
CA PHE A 131 -25.07 -21.77 -4.41
C PHE A 131 -25.70 -20.95 -5.58
N ASN A 132 -26.93 -21.30 -5.95
CA ASN A 132 -27.63 -20.62 -7.01
C ASN A 132 -27.86 -19.16 -6.73
N GLU A 133 -28.36 -18.87 -5.53
CA GLU A 133 -28.79 -17.49 -5.22
C GLU A 133 -27.56 -16.56 -5.12
N MET A 134 -26.37 -17.09 -4.77
CA MET A 134 -25.19 -16.24 -4.77
C MET A 134 -24.99 -15.54 -6.15
N GLU A 135 -25.22 -16.28 -7.24
CA GLU A 135 -25.09 -15.71 -8.56
C GLU A 135 -26.02 -14.49 -8.73
N THR A 136 -27.30 -14.65 -8.33
CA THR A 136 -28.31 -13.58 -8.44
C THR A 136 -27.90 -12.37 -7.57
N ILE A 137 -27.42 -12.65 -6.38
CA ILE A 137 -26.96 -11.57 -5.45
C ILE A 137 -25.84 -10.73 -6.13
N VAL A 138 -24.90 -11.42 -6.73
CA VAL A 138 -23.74 -10.73 -7.34
C VAL A 138 -24.13 -10.01 -8.67
N LYS A 139 -24.89 -10.72 -9.53
CA LYS A 139 -25.11 -10.24 -10.86
C LYS A 139 -26.31 -9.31 -10.96
N ASP A 140 -27.30 -9.49 -10.07
CA ASP A 140 -28.58 -8.77 -10.23
C ASP A 140 -28.85 -7.81 -9.10
N LYS A 141 -28.20 -8.05 -7.96
CA LYS A 141 -28.53 -7.30 -6.71
C LYS A 141 -27.42 -6.33 -6.21
N GLY A 142 -26.31 -6.26 -6.95
CA GLY A 142 -25.26 -5.28 -6.65
C GLY A 142 -24.49 -5.47 -5.33
N ILE A 143 -24.37 -6.74 -4.92
CA ILE A 143 -23.66 -7.09 -3.70
C ILE A 143 -22.53 -8.09 -4.05
N ASN A 144 -21.31 -7.70 -3.73
CA ASN A 144 -20.14 -8.48 -4.15
C ASN A 144 -19.35 -9.03 -2.96
N THR A 145 -19.98 -9.07 -1.76
CA THR A 145 -19.28 -9.64 -0.59
C THR A 145 -20.22 -10.61 0.13
N PHE A 146 -19.61 -11.67 0.71
CA PHE A 146 -20.36 -12.71 1.39
C PHE A 146 -19.68 -12.95 2.72
N KCX A 147 -20.45 -12.88 3.80
CA KCX A 147 -19.88 -12.97 5.14
CB KCX A 147 -20.62 -11.97 6.08
CG KCX A 147 -20.31 -12.09 7.60
CD KCX A 147 -18.83 -11.71 7.86
CE KCX A 147 -18.53 -11.61 9.40
NZ KCX A 147 -19.35 -10.51 9.96
C KCX A 147 -20.08 -14.41 5.68
O KCX A 147 -21.17 -15.02 5.48
CX KCX A 147 -19.29 -10.19 11.26
OQ1 KCX A 147 -18.51 -10.81 12.02
OQ2 KCX A 147 -20.03 -9.29 11.76
N HIS A 148 -19.05 -14.90 6.38
CA HIS A 148 -19.03 -16.27 6.93
C HIS A 148 -18.64 -16.18 8.39
N PHE A 149 -19.35 -16.91 9.25
CA PHE A 149 -19.07 -16.90 10.70
C PHE A 149 -18.43 -18.25 11.04
N MET A 150 -17.22 -18.22 11.64
CA MET A 150 -16.54 -19.45 12.06
C MET A 150 -16.87 -19.80 13.50
N ALA A 151 -17.62 -18.90 14.16
CA ALA A 151 -18.09 -19.17 15.49
C ALA A 151 -19.62 -18.88 15.57
N TYR A 152 -20.14 -18.71 16.79
CA TYR A 152 -21.61 -18.66 17.06
C TYR A 152 -22.22 -20.02 16.66
N LYS A 153 -21.65 -21.07 17.21
CA LYS A 153 -22.10 -22.42 16.94
C LYS A 153 -23.58 -22.56 17.28
N GLY A 154 -24.34 -23.21 16.39
CA GLY A 154 -25.75 -23.40 16.63
C GLY A 154 -26.61 -22.20 16.23
N ALA A 155 -25.98 -21.11 15.82
CA ALA A 155 -26.69 -19.90 15.39
C ALA A 155 -26.31 -19.51 13.96
N LEU A 156 -25.05 -19.19 13.72
CA LEU A 156 -24.65 -18.58 12.44
C LEU A 156 -23.45 -19.34 11.85
N MET A 157 -22.90 -20.26 12.61
CA MET A 157 -21.59 -20.87 12.23
C MET A 157 -21.68 -21.77 10.94
N VAL A 158 -20.64 -21.70 10.10
CA VAL A 158 -20.43 -22.65 8.95
C VAL A 158 -19.10 -23.41 9.21
N ASP A 159 -18.93 -24.55 8.58
CA ASP A 159 -17.72 -25.34 8.76
C ASP A 159 -16.80 -25.25 7.55
N ASP A 160 -15.67 -25.99 7.61
CA ASP A 160 -14.61 -25.85 6.56
C ASP A 160 -15.15 -26.26 5.21
N ASP A 161 -15.95 -27.31 5.21
CA ASP A 161 -16.49 -27.83 3.96
C ASP A 161 -17.43 -26.81 3.29
N GLU A 162 -18.40 -26.30 4.05
CA GLU A 162 -19.29 -25.20 3.59
C GLU A 162 -18.49 -23.99 3.18
N MET A 163 -17.55 -23.56 4.01
CA MET A 163 -16.75 -22.37 3.65
C MET A 163 -15.95 -22.58 2.35
N PHE A 164 -15.35 -23.74 2.19
CA PHE A 164 -14.58 -23.97 0.97
C PHE A 164 -15.51 -23.93 -0.27
N SER A 165 -16.70 -24.58 -0.17
CA SER A 165 -17.67 -24.50 -1.28
C SER A 165 -18.01 -23.02 -1.57
N SER A 166 -18.26 -22.25 -0.52
CA SER A 166 -18.73 -20.91 -0.68
C SER A 166 -17.62 -20.05 -1.30
N PHE A 167 -16.38 -20.21 -0.82
CA PHE A 167 -15.27 -19.40 -1.32
C PHE A 167 -15.00 -19.70 -2.79
N GLN A 168 -15.13 -21.00 -3.18
CA GLN A 168 -14.94 -21.35 -4.62
C GLN A 168 -16.04 -20.66 -5.44
N ARG A 169 -17.27 -20.63 -4.90
CA ARG A 169 -18.32 -19.90 -5.60
C ARG A 169 -18.02 -18.36 -5.66
N CYS A 170 -17.52 -17.77 -4.55
CA CYS A 170 -17.01 -16.39 -4.57
C CYS A 170 -15.97 -16.15 -5.69
N ALA A 171 -14.99 -17.06 -5.79
CA ALA A 171 -13.95 -16.95 -6.82
C ALA A 171 -14.60 -16.90 -8.24
N ALA A 172 -15.55 -17.81 -8.49
CA ALA A 172 -16.20 -17.95 -9.81
C ALA A 172 -16.98 -16.68 -10.17
N LEU A 173 -17.58 -16.03 -9.14
CA LEU A 173 -18.48 -14.87 -9.31
C LEU A 173 -17.74 -13.52 -9.21
N GLY A 174 -16.46 -13.57 -8.88
CA GLY A 174 -15.65 -12.34 -8.68
C GLY A 174 -16.04 -11.58 -7.41
N ALA A 175 -16.54 -12.32 -6.41
CA ALA A 175 -16.98 -11.76 -5.13
C ALA A 175 -15.90 -11.99 -4.01
N LEU A 176 -16.03 -11.28 -2.90
CA LEU A 176 -15.00 -11.31 -1.87
C LEU A 176 -15.65 -11.91 -0.58
N PRO A 177 -15.09 -13.02 -0.09
CA PRO A 177 -15.56 -13.54 1.20
C PRO A 177 -15.01 -12.73 2.39
N LEU A 178 -15.91 -12.43 3.35
CA LEU A 178 -15.53 -11.85 4.64
C LEU A 178 -15.69 -12.94 5.69
N VAL A 179 -14.88 -12.85 6.73
CA VAL A 179 -14.89 -13.91 7.75
C VAL A 179 -14.81 -13.35 9.18
N HIS A 180 -15.72 -13.82 10.08
CA HIS A 180 -15.58 -13.69 11.49
C HIS A 180 -14.74 -14.91 11.95
N ALA A 181 -13.48 -14.65 12.30
CA ALA A 181 -12.52 -15.71 12.50
C ALA A 181 -12.33 -15.98 14.03
N GLU A 182 -13.09 -16.93 14.57
CA GLU A 182 -12.76 -17.53 15.90
C GLU A 182 -13.12 -18.99 15.73
N ASN A 183 -12.42 -19.89 16.45
CA ASN A 183 -12.78 -21.33 16.30
C ASN A 183 -14.09 -21.61 17.13
N GLY A 184 -15.22 -21.78 16.46
CA GLY A 184 -16.49 -21.86 17.17
C GLY A 184 -16.59 -23.13 18.02
N ASP A 185 -15.95 -24.22 17.61
CA ASP A 185 -16.08 -25.47 18.38
C ASP A 185 -15.34 -25.36 19.72
N VAL A 186 -14.13 -24.82 19.69
CA VAL A 186 -13.37 -24.57 20.92
C VAL A 186 -14.10 -23.55 21.80
N VAL A 187 -14.55 -22.42 21.19
CA VAL A 187 -15.29 -21.45 21.99
C VAL A 187 -16.55 -22.06 22.69
N ALA A 188 -17.34 -22.86 21.95
CA ALA A 188 -18.57 -23.46 22.57
C ALA A 188 -18.18 -24.34 23.81
N GLN A 189 -17.13 -25.15 23.67
CA GLN A 189 -16.71 -26.06 24.77
C GLN A 189 -16.14 -25.24 25.97
N LEU A 190 -15.36 -24.20 25.65
CA LEU A 190 -14.80 -23.35 26.74
C LEU A 190 -15.95 -22.58 27.46
N GLN A 191 -16.92 -22.05 26.72
CA GLN A 191 -18.09 -21.43 27.38
C GLN A 191 -18.72 -22.41 28.35
N ALA A 192 -19.00 -23.63 27.87
CA ALA A 192 -19.73 -24.62 28.74
C ALA A 192 -18.89 -24.99 29.99
N LYS A 193 -17.60 -25.12 29.79
CA LYS A 193 -16.66 -25.46 30.86
C LYS A 193 -16.65 -24.33 31.94
N LEU A 194 -16.56 -23.08 31.50
CA LEU A 194 -16.52 -21.96 32.45
C LEU A 194 -17.84 -21.86 33.25
N LEU A 195 -18.99 -21.99 32.57
CA LEU A 195 -20.29 -22.03 33.27
C LEU A 195 -20.34 -23.18 34.29
N ALA A 196 -19.85 -24.36 33.91
CA ALA A 196 -19.89 -25.49 34.82
C ALA A 196 -19.05 -25.26 36.07
N GLU A 197 -17.96 -24.52 35.92
CA GLU A 197 -17.04 -24.12 37.05
C GLU A 197 -17.56 -22.96 37.90
N GLY A 198 -18.66 -22.33 37.45
CA GLY A 198 -19.25 -21.18 38.19
C GLY A 198 -18.63 -19.84 37.78
N ASN A 199 -17.78 -19.87 36.75
CA ASN A 199 -17.10 -18.66 36.23
C ASN A 199 -18.04 -18.04 35.19
N SER A 200 -19.02 -17.27 35.66
CA SER A 200 -20.20 -16.94 34.84
C SER A 200 -20.33 -15.44 34.57
N GLY A 201 -19.40 -14.65 35.10
CA GLY A 201 -19.46 -13.19 34.95
C GLY A 201 -18.97 -12.71 33.57
N PRO A 202 -19.11 -11.39 33.30
CA PRO A 202 -18.78 -10.86 31.95
C PRO A 202 -17.33 -11.10 31.55
N GLU A 203 -16.40 -11.04 32.51
CA GLU A 203 -14.99 -11.32 32.22
C GLU A 203 -14.80 -12.75 31.61
N ALA A 204 -15.67 -13.71 32.01
CA ALA A 204 -15.55 -15.08 31.51
C ALA A 204 -15.88 -15.16 30.02
N HIS A 205 -16.60 -14.16 29.47
CA HIS A 205 -16.76 -14.03 28.03
C HIS A 205 -15.34 -13.98 27.37
N ALA A 206 -14.48 -13.07 27.89
CA ALA A 206 -13.10 -12.98 27.35
C ALA A 206 -12.35 -14.29 27.55
N TYR A 207 -12.55 -14.90 28.73
CA TYR A 207 -11.79 -16.12 29.07
C TYR A 207 -12.17 -17.28 28.12
N SER A 208 -13.43 -17.28 27.68
CA SER A 208 -13.99 -18.34 26.78
C SER A 208 -13.46 -18.30 25.34
N ARG A 209 -12.78 -17.20 24.95
CA ARG A 209 -12.33 -17.05 23.60
C ARG A 209 -11.01 -16.31 23.50
N PRO A 210 -9.97 -16.95 24.00
CA PRO A 210 -8.68 -16.23 24.04
C PRO A 210 -8.12 -15.98 22.63
N ALA A 211 -7.19 -15.02 22.53
CA ALA A 211 -6.63 -14.56 21.25
C ALA A 211 -6.15 -15.72 20.36
N GLU A 212 -5.65 -16.83 20.97
CA GLU A 212 -5.15 -17.97 20.11
C GLU A 212 -6.26 -18.53 19.20
N VAL A 213 -7.53 -18.51 19.67
CA VAL A 213 -8.60 -19.08 18.90
C VAL A 213 -8.95 -18.21 17.69
N GLU A 214 -8.79 -16.88 17.82
CA GLU A 214 -8.89 -15.98 16.66
C GLU A 214 -7.74 -16.16 15.65
N GLY A 215 -6.48 -16.25 16.14
CA GLY A 215 -5.28 -16.41 15.26
C GLY A 215 -5.49 -17.70 14.44
N GLU A 216 -5.91 -18.79 15.10
CA GLU A 216 -6.10 -20.10 14.39
C GLU A 216 -7.14 -19.95 13.28
N ALA A 217 -8.27 -19.38 13.60
CA ALA A 217 -9.40 -19.32 12.62
C ALA A 217 -8.99 -18.42 11.45
N ALA A 218 -8.30 -17.32 11.74
CA ALA A 218 -7.90 -16.41 10.67
C ALA A 218 -6.93 -17.19 9.71
N ASN A 219 -6.00 -17.93 10.27
CA ASN A 219 -5.00 -18.65 9.50
C ASN A 219 -5.74 -19.71 8.64
N ARG A 220 -6.78 -20.30 9.20
CA ARG A 220 -7.56 -21.33 8.46
C ARG A 220 -8.34 -20.71 7.28
N ALA A 221 -9.07 -19.61 7.56
CA ALA A 221 -9.84 -18.95 6.48
C ALA A 221 -8.86 -18.53 5.37
N ILE A 222 -7.67 -18.04 5.71
CA ILE A 222 -6.71 -17.65 4.69
C ILE A 222 -6.32 -18.84 3.82
N MET A 223 -6.01 -19.99 4.46
CA MET A 223 -5.66 -21.20 3.67
C MET A 223 -6.83 -21.57 2.69
N ILE A 224 -8.07 -21.50 3.18
CA ILE A 224 -9.21 -21.95 2.36
C ILE A 224 -9.39 -20.98 1.16
N ALA A 225 -9.19 -19.71 1.41
CA ALA A 225 -9.30 -18.70 0.32
C ALA A 225 -8.15 -18.92 -0.72
N ASP A 226 -6.93 -19.20 -0.22
CA ASP A 226 -5.79 -19.45 -1.10
C ASP A 226 -6.11 -20.66 -2.01
N MET A 227 -6.69 -21.74 -1.41
CA MET A 227 -7.08 -22.91 -2.22
C MET A 227 -8.24 -22.63 -3.20
N ALA A 228 -9.17 -21.79 -2.83
CA ALA A 228 -10.28 -21.37 -3.73
C ALA A 228 -9.83 -20.33 -4.83
N GLY A 229 -8.71 -19.65 -4.62
CA GLY A 229 -8.22 -18.65 -5.62
C GLY A 229 -9.05 -17.34 -5.53
N CYS A 230 -9.48 -16.94 -4.31
CA CYS A 230 -10.14 -15.62 -4.14
C CYS A 230 -9.38 -14.89 -3.01
N PRO A 231 -9.38 -13.54 -3.00
CA PRO A 231 -8.91 -12.80 -1.81
C PRO A 231 -9.84 -13.12 -0.64
N VAL A 232 -9.45 -12.70 0.55
CA VAL A 232 -10.32 -12.90 1.71
C VAL A 232 -10.14 -11.71 2.64
N TYR A 233 -11.18 -11.40 3.38
CA TYR A 233 -11.18 -10.20 4.27
C TYR A 233 -11.53 -10.64 5.68
N ILE A 234 -10.60 -10.36 6.61
CA ILE A 234 -10.73 -10.80 7.99
C ILE A 234 -11.29 -9.62 8.77
N VAL A 235 -12.57 -9.72 9.13
CA VAL A 235 -13.23 -8.64 9.86
C VAL A 235 -12.69 -8.62 11.32
N HIS A 236 -12.84 -7.44 11.94
CA HIS A 236 -12.37 -7.23 13.36
C HIS A 236 -11.16 -8.06 13.79
N THR A 237 -10.04 -7.76 13.16
CA THR A 237 -8.74 -8.32 13.55
CA THR A 237 -8.74 -8.31 13.54
C THR A 237 -8.33 -7.65 14.87
N SER A 238 -8.30 -8.41 15.96
CA SER A 238 -8.18 -7.77 17.27
C SER A 238 -6.87 -8.03 18.02
N CYS A 239 -6.04 -8.95 17.50
CA CYS A 239 -4.87 -9.43 18.30
C CYS A 239 -3.70 -9.69 17.42
N GLU A 240 -2.54 -9.85 18.05
CA GLU A 240 -1.31 -10.08 17.28
CA GLU A 240 -1.27 -10.13 17.39
C GLU A 240 -1.36 -11.42 16.56
N GLN A 241 -2.02 -12.43 17.15
CA GLN A 241 -2.05 -13.77 16.50
C GLN A 241 -2.80 -13.70 15.16
N ALA A 242 -3.97 -13.04 15.12
CA ALA A 242 -4.67 -12.81 13.81
C ALA A 242 -3.83 -11.91 12.87
N HIS A 243 -3.21 -10.86 13.41
CA HIS A 243 -2.40 -9.99 12.55
C HIS A 243 -1.21 -10.79 11.97
N GLU A 244 -0.54 -11.61 12.81
CA GLU A 244 0.60 -12.40 12.36
C GLU A 244 0.15 -13.32 11.19
N ALA A 245 -1.05 -13.90 11.29
CA ALA A 245 -1.53 -14.83 10.22
C ALA A 245 -1.69 -14.05 8.89
N ILE A 246 -2.21 -12.82 8.99
CA ILE A 246 -2.36 -11.98 7.80
C ILE A 246 -1.01 -11.58 7.24
N ARG A 247 -0.08 -11.17 8.15
CA ARG A 247 1.24 -10.74 7.69
C ARG A 247 1.94 -11.91 6.99
N ARG A 248 1.88 -13.11 7.59
CA ARG A 248 2.61 -14.26 7.06
C ARG A 248 2.00 -14.60 5.65
N ALA A 249 0.68 -14.52 5.55
CA ALA A 249 0.00 -14.84 4.27
C ALA A 249 0.38 -13.80 3.22
N ARG A 250 0.34 -12.51 3.60
CA ARG A 250 0.71 -11.42 2.61
C ARG A 250 2.17 -11.51 2.20
N ALA A 251 3.02 -12.00 3.07
CA ALA A 251 4.46 -12.15 2.76
C ALA A 251 4.66 -13.23 1.76
N LYS A 252 3.67 -14.12 1.65
CA LYS A 252 3.69 -15.14 0.58
C LYS A 252 3.00 -14.63 -0.69
N GLY A 253 2.52 -13.42 -0.64
CA GLY A 253 1.84 -12.80 -1.81
C GLY A 253 0.35 -13.03 -1.84
N MET A 254 -0.18 -13.66 -0.79
CA MET A 254 -1.64 -13.90 -0.75
C MET A 254 -2.40 -12.58 -0.61
N ARG A 255 -3.62 -12.58 -1.17
CA ARG A 255 -4.44 -11.33 -1.14
C ARG A 255 -5.34 -11.44 0.07
N VAL A 256 -4.91 -10.89 1.23
CA VAL A 256 -5.65 -11.00 2.43
C VAL A 256 -5.77 -9.60 3.00
N PHE A 257 -7.01 -9.20 3.39
CA PHE A 257 -7.24 -7.88 3.95
C PHE A 257 -7.57 -8.06 5.44
N GLY A 258 -7.23 -7.06 6.25
CA GLY A 258 -7.56 -7.14 7.69
C GLY A 258 -8.17 -5.80 8.17
N GLU A 259 -9.14 -5.91 9.10
CA GLU A 259 -9.96 -4.76 9.52
C GLU A 259 -9.88 -4.63 11.07
N PRO A 260 -8.93 -3.83 11.60
CA PRO A 260 -9.01 -3.58 13.08
C PRO A 260 -10.16 -2.62 13.42
N LEU A 261 -10.91 -2.95 14.46
CA LEU A 261 -11.89 -2.04 15.01
C LEU A 261 -11.23 -0.92 15.80
N ILE A 262 -11.86 0.25 15.74
CA ILE A 262 -11.37 1.37 16.63
C ILE A 262 -11.35 0.94 18.12
N GLN A 263 -12.34 0.14 18.54
CA GLN A 263 -12.36 -0.41 19.95
C GLN A 263 -11.05 -1.15 20.25
N HIS A 264 -10.56 -1.97 19.29
CA HIS A 264 -9.41 -2.76 19.58
C HIS A 264 -8.11 -2.02 19.46
N LEU A 265 -8.15 -0.83 18.86
CA LEU A 265 -6.98 0.01 18.78
C LEU A 265 -6.77 0.81 20.03
N THR A 266 -7.87 1.09 20.76
CA THR A 266 -7.82 2.16 21.79
C THR A 266 -8.43 1.74 23.15
N LEU A 267 -9.05 0.55 23.22
CA LEU A 267 -9.63 0.09 24.50
C LEU A 267 -9.10 -1.31 24.80
N ASP A 268 -9.28 -1.79 26.05
CA ASP A 268 -8.64 -3.08 26.41
C ASP A 268 -9.39 -3.86 27.44
N GLU A 269 -8.98 -5.13 27.61
CA GLU A 269 -9.70 -6.09 28.44
C GLU A 269 -9.88 -5.65 29.91
N THR A 270 -9.05 -4.72 30.44
CA THR A 270 -9.23 -4.28 31.85
C THR A 270 -10.64 -3.76 32.17
N GLU A 271 -11.37 -3.35 31.12
CA GLU A 271 -12.79 -2.94 31.24
C GLU A 271 -13.61 -4.10 31.87
N TYR A 272 -13.21 -5.34 31.58
CA TYR A 272 -13.95 -6.53 32.06
C TYR A 272 -13.71 -6.80 33.54
N PHE A 273 -12.64 -6.19 34.07
CA PHE A 273 -12.22 -6.46 35.45
C PHE A 273 -12.76 -5.41 36.40
N ASP A 274 -13.56 -4.49 35.85
CA ASP A 274 -14.19 -3.46 36.66
C ASP A 274 -15.13 -4.13 37.71
N LYS A 275 -15.14 -3.59 38.92
CA LYS A 275 -15.97 -4.10 40.02
C LYS A 275 -17.47 -3.95 39.74
N ASP A 276 -17.82 -3.08 38.77
CA ASP A 276 -19.24 -2.87 38.43
C ASP A 276 -19.65 -3.82 37.31
N TRP A 277 -20.63 -4.69 37.62
CA TRP A 277 -21.10 -5.66 36.64
C TRP A 277 -21.54 -4.97 35.32
N ASP A 278 -22.36 -3.92 35.39
CA ASP A 278 -22.82 -3.24 34.18
C ASP A 278 -21.64 -2.74 33.37
N HIS A 279 -20.71 -2.08 34.04
CA HIS A 279 -19.55 -1.52 33.32
C HIS A 279 -18.83 -2.63 32.48
N ALA A 280 -18.59 -3.81 33.12
CA ALA A 280 -17.89 -4.89 32.45
C ALA A 280 -18.76 -5.46 31.31
N ALA A 281 -20.05 -5.69 31.59
CA ALA A 281 -20.96 -6.35 30.59
C ALA A 281 -21.15 -5.46 29.35
N ARG A 282 -21.13 -4.14 29.57
CA ARG A 282 -21.32 -3.20 28.43
C ARG A 282 -20.27 -3.41 27.37
N ARG A 283 -19.09 -3.91 27.74
CA ARG A 283 -18.01 -4.08 26.77
C ARG A 283 -17.94 -5.47 26.17
N VAL A 284 -18.84 -6.36 26.57
CA VAL A 284 -18.84 -7.70 26.03
C VAL A 284 -19.22 -7.66 24.49
N MET A 285 -18.30 -8.17 23.68
CA MET A 285 -18.44 -8.30 22.27
C MET A 285 -17.46 -9.40 21.83
N SER A 286 -17.58 -9.85 20.57
CA SER A 286 -16.72 -10.94 20.05
C SER A 286 -16.13 -10.49 18.72
N PRO A 287 -14.78 -10.49 18.61
CA PRO A 287 -13.80 -10.84 19.64
C PRO A 287 -13.82 -9.80 20.80
N PRO A 288 -13.50 -10.25 22.01
CA PRO A 288 -13.54 -9.36 23.16
C PRO A 288 -12.43 -8.31 23.12
N PHE A 289 -12.58 -7.23 23.88
CA PHE A 289 -11.44 -6.35 24.15
C PHE A 289 -10.28 -7.26 24.64
N ARG A 290 -9.06 -6.97 24.18
CA ARG A 290 -7.90 -7.83 24.46
C ARG A 290 -6.93 -7.14 25.42
N ASN A 291 -5.93 -7.89 25.89
CA ASN A 291 -4.83 -7.28 26.57
C ASN A 291 -4.28 -6.07 25.76
N LYS A 292 -4.02 -4.97 26.45
CA LYS A 292 -3.59 -3.72 25.77
C LYS A 292 -2.28 -3.88 24.91
N LEU A 293 -1.45 -4.87 25.28
CA LEU A 293 -0.22 -5.19 24.51
C LEU A 293 -0.52 -5.41 23.02
N HIS A 294 -1.74 -5.82 22.64
CA HIS A 294 -2.02 -6.15 21.25
C HIS A 294 -2.22 -4.87 20.39
N GLN A 295 -2.51 -3.73 21.06
CA GLN A 295 -2.85 -2.52 20.30
C GLN A 295 -1.72 -2.11 19.37
N ASP A 296 -0.50 -2.14 19.88
CA ASP A 296 0.67 -1.68 19.07
C ASP A 296 0.78 -2.44 17.74
N SER A 297 0.46 -3.73 17.77
CA SER A 297 0.55 -4.54 16.57
C SER A 297 -0.43 -4.06 15.52
N LEU A 298 -1.66 -3.77 15.94
CA LEU A 298 -2.72 -3.34 15.02
C LEU A 298 -2.37 -1.95 14.45
N TRP A 299 -1.92 -1.01 15.32
CA TRP A 299 -1.50 0.30 14.78
C TRP A 299 -0.36 0.14 13.75
N ALA A 300 0.60 -0.74 14.07
CA ALA A 300 1.73 -0.92 13.17
C ALA A 300 1.20 -1.44 11.81
N GLY A 301 0.17 -2.33 11.85
CA GLY A 301 -0.47 -2.83 10.58
C GLY A 301 -1.06 -1.70 9.75
N LEU A 302 -1.71 -0.71 10.41
CA LEU A 302 -2.24 0.43 9.65
C LEU A 302 -1.14 1.22 8.96
N ALA A 303 -0.06 1.48 9.67
CA ALA A 303 1.06 2.28 9.15
C ALA A 303 1.74 1.54 7.98
N SER A 304 1.81 0.22 8.03
CA SER A 304 2.73 -0.53 7.10
C SER A 304 1.90 -1.19 5.97
N GLY A 305 0.56 -1.17 6.10
CA GLY A 305 -0.32 -1.66 5.00
C GLY A 305 -0.78 -3.11 5.13
N SER A 306 -0.34 -3.83 6.18
CA SER A 306 -0.83 -5.20 6.41
C SER A 306 -2.27 -5.26 6.99
N LEU A 307 -2.79 -4.12 7.53
CA LEU A 307 -4.21 -3.96 7.91
C LEU A 307 -4.68 -2.68 7.21
N GLN A 308 -5.85 -2.69 6.59
CA GLN A 308 -6.13 -1.61 5.59
C GLN A 308 -7.37 -0.83 5.94
N VAL A 309 -8.19 -1.35 6.85
CA VAL A 309 -9.49 -0.74 7.09
C VAL A 309 -9.81 -0.63 8.57
N VAL A 310 -10.20 0.57 9.01
CA VAL A 310 -10.70 0.75 10.38
C VAL A 310 -12.24 0.78 10.34
N ALA A 311 -12.84 -0.01 11.21
CA ALA A 311 -14.30 -0.11 11.30
C ALA A 311 -14.78 -0.15 12.75
N THR A 312 -16.10 -0.30 12.97
CA THR A 312 -16.61 -0.30 14.37
C THR A 312 -17.40 -1.56 14.78
N ASP A 313 -17.85 -2.39 13.80
CA ASP A 313 -18.72 -3.53 14.14
C ASP A 313 -19.90 -3.01 15.01
N HIS A 314 -20.51 -1.92 14.57
CA HIS A 314 -21.46 -1.21 15.45
C HIS A 314 -22.68 -2.04 15.71
N CYS A 315 -22.79 -2.53 16.94
CA CYS A 315 -23.86 -3.46 17.29
C CYS A 315 -24.26 -3.10 18.71
N ALA A 316 -25.18 -2.13 18.86
CA ALA A 316 -25.36 -1.49 20.16
C ALA A 316 -26.55 -2.10 20.95
N PHE A 317 -26.31 -2.36 22.24
CA PHE A 317 -27.35 -2.81 23.16
C PHE A 317 -27.39 -1.90 24.36
N THR A 318 -28.57 -1.69 24.89
CA THR A 318 -28.73 -0.91 26.13
C THR A 318 -28.16 -1.73 27.30
N THR A 319 -27.89 -1.06 28.40
CA THR A 319 -27.50 -1.76 29.64
C THR A 319 -28.53 -2.85 29.99
N GLU A 320 -29.84 -2.54 29.84
CA GLU A 320 -30.90 -3.46 30.29
C GLU A 320 -30.89 -4.68 29.38
N GLN A 321 -30.54 -4.48 28.10
CA GLN A 321 -30.36 -5.64 27.18
C GLN A 321 -29.12 -6.48 27.58
N LYS A 322 -28.02 -5.81 27.90
CA LYS A 322 -26.80 -6.51 28.36
C LYS A 322 -27.17 -7.38 29.62
N ARG A 323 -28.05 -6.83 30.45
CA ARG A 323 -28.44 -7.51 31.69
C ARG A 323 -29.26 -8.79 31.44
N PHE A 324 -29.68 -9.06 30.20
CA PHE A 324 -30.20 -10.44 29.90
C PHE A 324 -29.18 -11.51 30.36
N GLY A 325 -27.92 -11.14 30.37
CA GLY A 325 -26.85 -12.09 30.76
C GLY A 325 -26.37 -12.07 32.21
N VAL A 326 -27.14 -11.46 33.11
CA VAL A 326 -26.82 -11.55 34.56
C VAL A 326 -26.83 -13.02 34.95
N GLY A 327 -25.76 -13.48 35.59
CA GLY A 327 -25.62 -14.88 35.98
C GLY A 327 -25.12 -15.86 34.92
N ASP A 328 -24.96 -15.40 33.66
CA ASP A 328 -24.64 -16.28 32.49
C ASP A 328 -24.11 -15.40 31.36
N PHE A 329 -22.79 -15.28 31.25
CA PHE A 329 -22.25 -14.37 30.26
C PHE A 329 -22.56 -14.76 28.84
N THR A 330 -22.84 -16.04 28.59
CA THR A 330 -23.23 -16.52 27.21
C THR A 330 -24.60 -15.91 26.73
N ARG A 331 -25.35 -15.33 27.67
CA ARG A 331 -26.59 -14.61 27.33
C ARG A 331 -26.48 -13.07 27.29
N ILE A 332 -25.31 -12.50 27.57
CA ILE A 332 -25.08 -11.07 27.34
C ILE A 332 -25.00 -10.82 25.81
N PRO A 333 -25.97 -10.07 25.26
CA PRO A 333 -25.86 -9.80 23.79
C PRO A 333 -24.53 -9.16 23.47
N ASN A 334 -23.83 -9.77 22.52
CA ASN A 334 -22.46 -9.37 22.20
C ASN A 334 -22.51 -8.16 21.30
N GLY A 335 -21.76 -7.09 21.64
CA GLY A 335 -21.54 -6.01 20.63
C GLY A 335 -21.38 -4.69 21.34
N THR A 336 -20.59 -3.81 20.71
CA THR A 336 -20.46 -2.43 21.20
C THR A 336 -20.69 -1.50 20.02
N GLY A 337 -20.90 -0.22 20.34
CA GLY A 337 -21.11 0.80 19.29
C GLY A 337 -19.84 1.66 19.16
N GLY A 338 -19.63 2.23 17.97
CA GLY A 338 -18.56 3.17 17.77
C GLY A 338 -18.70 4.09 16.57
N LEU A 339 -19.81 3.99 15.84
CA LEU A 339 -19.96 4.74 14.55
C LEU A 339 -19.51 6.22 14.60
N GLU A 340 -20.06 6.96 15.59
CA GLU A 340 -19.86 8.38 15.73
C GLU A 340 -18.42 8.65 16.22
N ASP A 341 -17.81 7.69 16.90
CA ASP A 341 -16.47 7.91 17.50
C ASP A 341 -15.26 7.40 16.72
N ARG A 342 -15.51 6.65 15.62
CA ARG A 342 -14.41 6.04 14.90
C ARG A 342 -13.39 7.08 14.40
N MET A 343 -13.88 8.01 13.58
CA MET A 343 -12.93 8.98 12.93
C MET A 343 -12.35 9.94 14.00
N PRO A 344 -13.19 10.46 14.95
CA PRO A 344 -12.60 11.32 15.99
C PRO A 344 -11.54 10.60 16.82
N MET A 345 -11.79 9.36 17.26
CA MET A 345 -10.74 8.61 18.01
C MET A 345 -9.46 8.38 17.18
N LEU A 346 -9.64 7.98 15.92
CA LEU A 346 -8.49 7.63 15.09
C LEU A 346 -7.66 8.89 14.81
N TRP A 347 -8.35 10.01 14.66
CA TRP A 347 -7.65 11.28 14.32
C TRP A 347 -6.83 11.73 15.55
N THR A 348 -7.44 11.72 16.73
CA THR A 348 -6.72 12.19 17.94
C THR A 348 -5.58 11.22 18.33
N TYR A 349 -5.86 9.92 18.30
CA TYR A 349 -4.88 8.94 18.82
C TYR A 349 -3.91 8.43 17.72
N GLY A 350 -4.25 8.70 16.44
CA GLY A 350 -3.38 8.23 15.31
C GLY A 350 -2.76 9.38 14.55
N VAL A 351 -3.54 10.39 14.18
CA VAL A 351 -2.99 11.47 13.33
C VAL A 351 -2.19 12.48 14.22
N ALA A 352 -2.79 12.93 15.31
CA ALA A 352 -2.20 13.98 16.10
C ALA A 352 -0.92 13.46 16.78
N THR A 353 -0.88 12.13 17.02
CA THR A 353 0.31 11.50 17.69
C THR A 353 1.42 11.16 16.67
N GLY A 354 1.11 11.29 15.37
CA GLY A 354 2.05 10.92 14.30
C GLY A 354 2.11 9.42 13.98
N ARG A 355 1.19 8.59 14.59
CA ARG A 355 1.17 7.13 14.30
C ARG A 355 0.80 6.83 12.81
N ILE A 356 -0.02 7.70 12.23
CA ILE A 356 -0.33 7.59 10.83
C ILE A 356 -0.35 9.02 10.26
N THR A 357 -0.06 9.14 8.99
CA THR A 357 -0.17 10.46 8.34
C THR A 357 -1.68 10.76 8.06
N MET A 358 -1.97 12.01 7.67
CA MET A 358 -3.36 12.39 7.28
C MET A 358 -3.84 11.59 6.04
N ASN A 359 -2.90 11.26 5.13
CA ASN A 359 -3.22 10.50 3.89
C ASN A 359 -3.56 9.07 4.27
N GLU A 360 -2.81 8.52 5.23
CA GLU A 360 -3.09 7.19 5.78
C GLU A 360 -4.42 7.15 6.50
N PHE A 361 -4.67 8.18 7.26
CA PHE A 361 -5.96 8.32 7.90
C PHE A 361 -7.15 8.24 6.87
N VAL A 362 -7.06 8.96 5.74
CA VAL A 362 -8.07 8.86 4.72
C VAL A 362 -8.16 7.41 4.16
N ALA A 363 -7.00 6.85 3.81
CA ALA A 363 -6.91 5.49 3.26
C ALA A 363 -7.68 4.51 4.18
N VAL A 364 -7.41 4.55 5.50
CA VAL A 364 -7.99 3.51 6.35
C VAL A 364 -9.38 3.85 6.89
N THR A 365 -9.89 5.06 6.60
CA THR A 365 -11.26 5.39 7.00
C THR A 365 -12.28 5.48 5.84
N SER A 366 -11.78 5.53 4.59
CA SER A 366 -12.68 5.49 3.39
C SER A 366 -12.10 4.85 2.13
N THR A 367 -10.95 5.36 1.68
CA THR A 367 -10.54 5.03 0.35
C THR A 367 -10.22 3.51 0.18
N ASN A 368 -9.49 2.91 1.13
CA ASN A 368 -9.12 1.45 0.98
C ASN A 368 -10.36 0.56 0.88
N ILE A 369 -11.32 0.75 1.81
CA ILE A 369 -12.53 -0.04 1.74
C ILE A 369 -13.33 0.26 0.44
N ALA A 370 -13.35 1.52 0.00
CA ALA A 370 -14.02 1.83 -1.30
C ALA A 370 -13.42 0.97 -2.39
N LYS A 371 -12.08 0.90 -2.42
CA LYS A 371 -11.40 0.12 -3.49
C LYS A 371 -11.63 -1.39 -3.28
N ILE A 372 -11.56 -1.84 -2.01
CA ILE A 372 -11.82 -3.26 -1.70
C ILE A 372 -13.24 -3.69 -2.17
N LEU A 373 -14.23 -2.80 -1.99
CA LEU A 373 -15.62 -3.11 -2.35
C LEU A 373 -15.97 -2.74 -3.83
N ASN A 374 -14.96 -2.25 -4.55
CA ASN A 374 -15.06 -1.93 -5.96
C ASN A 374 -15.98 -0.73 -6.23
N ILE A 375 -16.01 0.24 -5.30
CA ILE A 375 -16.86 1.42 -5.48
C ILE A 375 -16.07 2.73 -5.46
N TYR A 376 -14.74 2.65 -5.66
CA TYR A 376 -13.93 3.83 -5.84
C TYR A 376 -13.84 4.10 -7.37
N PRO A 377 -13.91 5.37 -7.80
CA PRO A 377 -13.98 6.61 -7.05
C PRO A 377 -15.38 7.18 -6.81
N LYS A 378 -16.44 6.42 -6.99
CA LYS A 378 -17.80 6.99 -6.69
C LYS A 378 -17.80 7.38 -5.18
N LYS A 379 -17.31 6.44 -4.35
CA LYS A 379 -17.09 6.69 -2.87
C LYS A 379 -15.61 6.72 -2.54
N GLY A 380 -15.28 7.34 -1.41
CA GLY A 380 -13.91 7.31 -0.85
C GLY A 380 -12.91 8.23 -1.60
N ALA A 381 -13.44 9.16 -2.41
CA ALA A 381 -12.58 10.02 -3.26
C ALA A 381 -12.90 11.50 -3.09
N ILE A 382 -11.89 12.35 -3.30
CA ILE A 382 -12.21 13.75 -3.67
C ILE A 382 -11.67 13.92 -5.08
N LEU A 383 -12.52 13.66 -6.07
CA LEU A 383 -12.13 13.79 -7.45
C LEU A 383 -13.32 14.34 -8.19
N VAL A 384 -13.10 15.07 -9.29
CA VAL A 384 -14.27 15.49 -10.13
C VAL A 384 -15.06 14.26 -10.57
N GLY A 385 -16.40 14.29 -10.42
CA GLY A 385 -17.28 13.16 -10.78
C GLY A 385 -17.63 12.26 -9.59
N ALA A 386 -16.83 12.33 -8.50
CA ALA A 386 -17.07 11.51 -7.26
C ALA A 386 -18.36 12.03 -6.54
N ASP A 387 -19.02 11.18 -5.77
CA ASP A 387 -20.15 11.67 -4.91
C ASP A 387 -19.61 12.68 -3.91
N ALA A 388 -20.43 13.70 -3.60
CA ALA A 388 -20.02 14.74 -2.67
C ALA A 388 -20.25 14.28 -1.20
N ASP A 389 -19.63 13.14 -0.85
CA ASP A 389 -19.63 12.61 0.52
C ASP A 389 -18.35 13.17 1.08
N LEU A 390 -18.49 14.16 1.95
CA LEU A 390 -17.30 14.92 2.39
C LEU A 390 -17.40 15.26 3.86
N VAL A 391 -16.27 15.28 4.51
CA VAL A 391 -16.25 15.84 5.86
C VAL A 391 -15.26 17.01 5.82
N VAL A 392 -15.70 18.12 6.36
CA VAL A 392 -14.82 19.29 6.58
C VAL A 392 -14.42 19.20 8.07
N TRP A 393 -13.15 18.92 8.30
CA TRP A 393 -12.69 18.50 9.62
C TRP A 393 -11.91 19.62 10.30
N ASP A 394 -12.39 20.07 11.43
CA ASP A 394 -11.72 21.16 12.17
C ASP A 394 -10.76 20.55 13.20
N PRO A 395 -9.42 20.66 12.95
CA PRO A 395 -8.45 19.97 13.81
C PRO A 395 -8.36 20.55 15.24
N LYS A 396 -9.02 21.72 15.46
CA LYS A 396 -9.09 22.37 16.78
C LYS A 396 -10.39 22.18 17.53
N ARG A 397 -11.43 21.64 16.87
CA ARG A 397 -12.75 21.48 17.50
C ARG A 397 -12.62 20.27 18.46
N SER A 398 -12.89 20.48 19.74
CA SER A 398 -12.69 19.39 20.71
C SER A 398 -13.90 19.09 21.61
N LYS A 399 -13.92 17.87 22.14
CA LYS A 399 -14.92 17.51 23.14
C LYS A 399 -14.42 16.34 23.99
N THR A 400 -15.04 16.14 25.14
CA THR A 400 -14.91 14.86 25.82
C THR A 400 -16.10 13.98 25.37
N ILE A 401 -15.80 12.78 24.86
CA ILE A 401 -16.88 11.89 24.42
C ILE A 401 -17.71 11.45 25.63
N SER A 402 -19.01 11.52 25.44
CA SER A 402 -19.91 11.17 26.54
C SER A 402 -21.24 10.66 26.01
N ALA A 403 -21.80 9.66 26.67
CA ALA A 403 -23.15 9.21 26.38
C ALA A 403 -24.19 10.35 26.52
N LYS A 404 -23.90 11.36 27.34
CA LYS A 404 -24.84 12.49 27.59
C LYS A 404 -25.07 13.29 26.31
N THR A 405 -24.09 13.28 25.38
CA THR A 405 -24.18 14.07 24.15
C THR A 405 -24.20 13.25 22.85
N GLN A 406 -24.22 11.93 22.95
CA GLN A 406 -23.98 11.11 21.74
C GLN A 406 -25.26 11.01 20.88
N GLN A 407 -25.09 10.64 19.61
CA GLN A 407 -26.25 10.40 18.70
C GLN A 407 -26.84 8.98 18.90
N SER A 408 -25.99 8.00 19.25
CA SER A 408 -26.42 6.62 19.47
C SER A 408 -27.61 6.55 20.43
N ALA A 409 -28.53 5.63 20.15
CA ALA A 409 -29.74 5.53 20.93
C ALA A 409 -29.55 4.84 22.28
N ILE A 410 -28.42 4.18 22.48
CA ILE A 410 -28.21 3.47 23.74
C ILE A 410 -27.76 4.40 24.87
N ASP A 411 -27.68 3.86 26.11
CA ASP A 411 -27.56 4.71 27.32
C ASP A 411 -26.09 4.93 27.77
N TYR A 412 -25.14 4.34 27.07
CA TYR A 412 -23.72 4.48 27.49
C TYR A 412 -22.86 4.53 26.23
N ASN A 413 -21.55 4.73 26.43
CA ASN A 413 -20.65 4.86 25.29
C ASN A 413 -19.32 4.25 25.76
N VAL A 414 -18.79 3.25 25.03
CA VAL A 414 -17.54 2.61 25.50
C VAL A 414 -16.34 3.57 25.45
N PHE A 415 -16.49 4.69 24.77
CA PHE A 415 -15.44 5.73 24.71
C PHE A 415 -15.70 6.85 25.71
N GLU A 416 -16.60 6.59 26.66
CA GLU A 416 -16.90 7.58 27.72
C GLU A 416 -15.58 8.15 28.32
N GLY A 417 -15.50 9.49 28.36
CA GLY A 417 -14.44 10.19 29.00
C GLY A 417 -13.19 10.40 28.14
N LYS A 418 -13.16 9.85 26.92
CA LYS A 418 -11.97 10.03 26.03
C LYS A 418 -12.05 11.43 25.43
N THR A 419 -10.95 12.19 25.51
CA THR A 419 -10.93 13.51 24.92
CA THR A 419 -10.90 13.52 24.91
C THR A 419 -10.48 13.41 23.46
N VAL A 420 -11.14 14.16 22.59
CA VAL A 420 -10.77 14.18 21.18
C VAL A 420 -10.62 15.65 20.76
N THR A 421 -9.61 15.93 19.93
CA THR A 421 -9.43 17.26 19.39
C THR A 421 -9.31 17.07 17.88
N GLY A 422 -10.26 17.62 17.13
CA GLY A 422 -10.41 17.27 15.70
C GLY A 422 -11.77 16.64 15.53
N LEU A 423 -12.69 17.39 14.93
CA LEU A 423 -14.09 16.94 14.80
C LEU A 423 -14.67 17.58 13.54
N PRO A 424 -15.74 16.95 12.99
CA PRO A 424 -16.42 17.63 11.86
C PRO A 424 -16.95 19.05 12.17
N ARG A 425 -16.60 19.96 11.27
CA ARG A 425 -17.30 21.22 11.15
C ARG A 425 -18.58 21.02 10.26
N PHE A 426 -18.44 20.33 9.13
CA PHE A 426 -19.57 20.01 8.25
C PHE A 426 -19.43 18.57 7.85
N THR A 427 -20.56 17.86 7.75
CA THR A 427 -20.55 16.56 7.08
C THR A 427 -21.62 16.61 5.98
N LEU A 428 -21.19 16.29 4.76
CA LEU A 428 -22.06 16.27 3.62
C LEU A 428 -22.22 14.85 3.10
N THR A 429 -23.45 14.47 2.84
CA THR A 429 -23.76 13.23 2.19
C THR A 429 -24.43 13.54 0.82
N ARG A 430 -23.74 13.16 -0.27
CA ARG A 430 -24.14 13.58 -1.65
C ARG A 430 -24.58 15.06 -1.66
N GLY A 431 -23.70 15.89 -1.10
CA GLY A 431 -23.82 17.35 -1.13
C GLY A 431 -24.80 17.92 -0.11
N VAL A 432 -25.52 17.08 0.64
CA VAL A 432 -26.51 17.57 1.64
C VAL A 432 -25.78 17.78 2.97
N VAL A 433 -25.72 19.03 3.44
CA VAL A 433 -25.06 19.35 4.69
C VAL A 433 -25.94 18.86 5.80
N SER A 434 -25.52 17.80 6.48
CA SER A 434 -26.35 17.06 7.46
C SER A 434 -25.89 17.29 8.90
N ILE A 435 -24.69 17.84 9.05
CA ILE A 435 -24.12 18.19 10.34
C ILE A 435 -23.40 19.49 10.15
N GLU A 436 -23.67 20.42 11.04
CA GLU A 436 -22.95 21.68 11.02
C GLU A 436 -22.53 22.04 12.42
N GLU A 437 -21.26 21.83 12.73
CA GLU A 437 -20.72 22.07 14.09
C GLU A 437 -21.66 21.62 15.23
N GLY A 438 -21.87 20.32 15.39
CA GLY A 438 -22.76 19.92 16.54
C GLY A 438 -24.25 20.22 16.36
N THR A 439 -24.63 20.91 15.28
CA THR A 439 -26.04 20.98 14.93
C THR A 439 -26.32 19.78 14.02
N VAL A 440 -27.25 18.93 14.47
CA VAL A 440 -27.64 17.76 13.68
C VAL A 440 -28.82 18.11 12.80
N LYS A 441 -28.66 18.01 11.50
CA LYS A 441 -29.76 18.26 10.57
C LYS A 441 -29.85 17.18 9.50
N THR A 442 -29.97 15.93 9.96
CA THR A 442 -30.02 14.78 9.07
C THR A 442 -31.42 14.67 8.41
N GLN A 443 -31.49 14.03 7.23
CA GLN A 443 -32.72 13.89 6.49
C GLN A 443 -33.05 12.41 6.33
N GLU A 444 -34.05 11.96 7.09
CA GLU A 444 -34.43 10.53 6.99
C GLU A 444 -34.82 10.15 5.57
N GLY A 445 -34.30 9.01 5.13
CA GLY A 445 -34.58 8.49 3.82
C GLY A 445 -33.72 9.10 2.72
N HIS A 446 -32.88 10.07 3.06
CA HIS A 446 -31.96 10.61 2.04
C HIS A 446 -31.00 9.52 1.51
N GLY A 447 -30.53 8.63 2.36
CA GLY A 447 -29.53 7.60 1.99
C GLY A 447 -30.12 6.63 0.98
N GLU A 448 -29.26 6.21 0.04
CA GLU A 448 -29.66 5.25 -0.98
C GLU A 448 -28.70 4.05 -0.99
N PHE A 449 -29.21 2.94 -1.51
CA PHE A 449 -28.36 1.74 -1.63
C PHE A 449 -27.29 1.94 -2.72
N VAL A 450 -26.07 1.63 -2.39
CA VAL A 450 -24.92 1.75 -3.31
C VAL A 450 -24.67 0.35 -3.95
N ARG A 451 -24.86 0.30 -5.27
CA ARG A 451 -24.74 -0.99 -6.01
C ARG A 451 -23.27 -1.22 -6.28
N ARG A 452 -22.83 -2.46 -6.17
CA ARG A 452 -21.40 -2.77 -6.39
C ARG A 452 -21.23 -3.85 -7.43
N ASP A 453 -20.19 -3.71 -8.27
CA ASP A 453 -19.89 -4.69 -9.32
C ASP A 453 -18.82 -5.70 -8.88
N PRO A 454 -18.88 -6.94 -9.43
CA PRO A 454 -17.81 -7.92 -9.08
C PRO A 454 -16.50 -7.67 -9.85
N PHE A 455 -15.53 -8.55 -9.59
CA PHE A 455 -14.19 -8.56 -10.28
C PHE A 455 -13.38 -7.24 -10.20
N PRO A 456 -13.01 -6.83 -8.98
CA PRO A 456 -12.00 -5.72 -8.89
C PRO A 456 -10.69 -6.29 -9.45
N ALA A 457 -9.72 -5.43 -9.67
CA ALA A 457 -8.45 -5.79 -10.31
C ALA A 457 -7.74 -6.90 -9.56
N VAL A 458 -7.81 -6.82 -8.22
CA VAL A 458 -7.08 -7.79 -7.40
C VAL A 458 -7.58 -9.23 -7.67
N SER A 459 -8.90 -9.40 -7.80
CA SER A 459 -9.54 -10.75 -8.04
C SER A 459 -9.09 -11.26 -9.42
N THR A 460 -9.18 -10.42 -10.44
CA THR A 460 -8.84 -10.81 -11.82
C THR A 460 -7.36 -11.22 -11.89
N ALA A 461 -6.49 -10.47 -11.22
CA ALA A 461 -5.04 -10.74 -11.30
C ALA A 461 -4.78 -12.10 -10.58
N LEU A 462 -5.41 -12.30 -9.42
CA LEU A 462 -5.18 -13.52 -8.64
C LEU A 462 -5.64 -14.73 -9.50
N SER A 463 -6.80 -14.63 -10.16
CA SER A 463 -7.33 -15.77 -11.04
C SER A 463 -6.28 -16.09 -12.17
N THR A 464 -5.74 -15.04 -12.80
CA THR A 464 -4.68 -15.22 -13.82
C THR A 464 -3.46 -15.92 -13.24
N TRP A 465 -3.02 -15.49 -12.05
CA TRP A 465 -1.82 -16.13 -11.41
C TRP A 465 -2.05 -17.59 -11.07
N LYS A 466 -3.25 -17.89 -10.58
CA LYS A 466 -3.64 -19.30 -10.35
C LYS A 466 -3.61 -20.11 -11.62
N GLU A 467 -4.09 -19.52 -12.74
CA GLU A 467 -4.06 -20.23 -14.03
C GLU A 467 -2.60 -20.46 -14.53
N VAL A 468 -1.75 -19.43 -14.38
CA VAL A 468 -0.33 -19.51 -14.82
C VAL A 468 0.38 -20.61 -14.04
N THR A 469 0.02 -20.76 -12.80
CA THR A 469 0.70 -21.72 -11.90
C THR A 469 -0.04 -23.04 -11.71
N ALA A 470 -1.19 -23.23 -12.39
CA ALA A 470 -1.99 -24.46 -12.25
C ALA A 470 -1.15 -25.74 -12.60
N PRO A 471 -1.15 -26.75 -11.68
CA PRO A 471 -0.36 -27.95 -11.89
C PRO A 471 -1.00 -28.81 -13.02
N ARG A 472 -0.15 -29.34 -13.88
CA ARG A 472 -0.61 -30.00 -15.10
C ARG A 472 -0.33 -31.47 -15.02
N ALA A 473 -1.20 -32.23 -15.69
CA ALA A 473 -1.02 -33.67 -15.84
C ALA A 473 0.31 -33.97 -16.59
N VAL A 474 0.89 -35.11 -16.28
CA VAL A 474 2.07 -35.59 -16.98
C VAL A 474 1.55 -36.56 -18.06
N GLN A 475 1.98 -36.31 -19.31
CA GLN A 475 1.59 -37.16 -20.45
C GLN A 475 2.43 -38.46 -20.45
N ARG A 476 1.77 -39.60 -20.27
CA ARG A 476 2.45 -40.94 -20.28
C ARG A 476 1.84 -41.92 -21.31
N SER A 477 2.64 -42.88 -21.78
CA SER A 477 2.11 -43.93 -22.62
C SER A 477 2.16 -45.27 -21.86
N GLY A 478 1.41 -46.25 -22.36
CA GLY A 478 1.47 -47.66 -21.80
C GLY A 478 1.16 -47.68 -20.30
N ILE A 479 0.17 -46.86 -19.87
CA ILE A 479 -0.32 -46.91 -18.49
C ILE A 479 -0.68 -48.39 -18.15
N PRO A 480 -0.16 -48.90 -17.02
CA PRO A 480 -0.30 -50.35 -16.75
C PRO A 480 -1.72 -50.83 -16.59
N ALA A 481 -1.86 -52.14 -16.66
CA ALA A 481 -3.09 -52.86 -16.29
C ALA A 481 -3.44 -52.52 -14.82
N SER A 482 -4.73 -52.60 -14.50
CA SER A 482 -5.18 -52.35 -13.09
C SER A 482 -5.95 -53.61 -12.58
N GLY A 483 -6.94 -53.36 -11.68
CA GLY A 483 -7.83 -54.40 -11.15
C GLY A 483 -7.29 -55.01 -9.86
N VAL A 484 -8.14 -55.84 -9.23
CA VAL A 484 -7.80 -56.57 -7.99
C VAL A 484 -7.47 -57.98 -8.29
N HIS A 485 -6.21 -58.31 -8.06
CA HIS A 485 -5.76 -59.71 -8.47
C HIS A 485 -5.58 -60.70 -7.28
N SER B 2 -3.09 21.32 -29.40
CA SER B 2 -2.77 20.38 -28.32
C SER B 2 -2.60 18.97 -28.90
N THR B 3 -2.16 18.03 -28.04
CA THR B 3 -1.99 16.66 -28.39
C THR B 3 -2.93 15.86 -27.54
N VAL B 4 -3.66 14.95 -28.15
CA VAL B 4 -4.59 14.12 -27.38
C VAL B 4 -4.17 12.66 -27.55
N ILE B 5 -3.95 12.00 -26.44
CA ILE B 5 -3.74 10.53 -26.45
C ILE B 5 -5.15 9.90 -26.37
N LYS B 6 -5.58 9.32 -27.47
CA LYS B 6 -6.97 9.00 -27.67
C LYS B 6 -7.30 7.49 -27.69
N GLY B 7 -8.37 7.11 -26.98
CA GLY B 7 -9.01 5.80 -27.22
C GLY B 7 -8.42 4.76 -26.23
N GLY B 8 -7.53 5.19 -25.35
CA GLY B 8 -6.85 4.25 -24.42
C GLY B 8 -7.51 4.10 -23.03
N THR B 9 -6.95 3.18 -22.22
CA THR B 9 -7.38 3.04 -20.84
C THR B 9 -6.29 3.62 -19.96
N ILE B 10 -6.68 4.60 -19.16
CA ILE B 10 -5.72 5.18 -18.18
C ILE B 10 -5.54 4.23 -17.02
N VAL B 11 -4.27 4.02 -16.65
CA VAL B 11 -3.93 3.26 -15.44
C VAL B 11 -3.00 4.10 -14.60
N THR B 12 -3.41 4.42 -13.37
CA THR B 12 -2.49 5.03 -12.42
C THR B 12 -2.35 4.10 -11.19
N ALA B 13 -1.59 4.53 -10.17
CA ALA B 13 -1.49 3.73 -8.93
C ALA B 13 -2.86 3.78 -8.21
N ASP B 14 -3.64 4.80 -8.54
CA ASP B 14 -4.90 5.06 -7.85
C ASP B 14 -6.11 4.36 -8.49
N LEU B 15 -6.17 4.33 -9.81
CA LEU B 15 -7.36 3.73 -10.47
C LEU B 15 -7.13 3.48 -11.93
N THR B 16 -8.06 2.74 -12.52
CA THR B 16 -8.08 2.40 -13.98
C THR B 16 -9.38 2.83 -14.59
N TYR B 17 -9.33 3.58 -15.70
CA TYR B 17 -10.59 4.04 -16.35
C TYR B 17 -10.31 4.42 -17.81
N LYS B 18 -11.30 4.22 -18.69
CA LYS B 18 -11.14 4.60 -20.06
C LYS B 18 -11.37 6.14 -20.19
N ALA B 19 -10.39 6.86 -20.76
CA ALA B 19 -10.48 8.33 -20.97
C ALA B 19 -9.33 8.71 -21.91
N ASP B 20 -9.52 9.84 -22.59
CA ASP B 20 -8.51 10.49 -23.39
C ASP B 20 -7.68 11.47 -22.52
N VAL B 21 -6.45 11.73 -22.94
CA VAL B 21 -5.62 12.65 -22.20
C VAL B 21 -5.15 13.76 -23.16
N LYS B 22 -5.34 14.98 -22.74
CA LYS B 22 -4.93 16.12 -23.56
C LYS B 22 -3.72 16.80 -22.92
N VAL B 23 -2.69 17.07 -23.75
CA VAL B 23 -1.39 17.61 -23.30
C VAL B 23 -1.11 18.91 -24.02
N GLU B 24 -0.65 19.91 -23.29
CA GLU B 24 -0.33 21.22 -23.87
C GLU B 24 0.69 21.83 -22.93
N GLY B 25 1.68 22.51 -23.47
CA GLY B 25 2.68 23.22 -22.65
C GLY B 25 3.47 22.27 -21.71
N GLY B 26 3.63 21.01 -22.12
CA GLY B 26 4.32 20.00 -21.33
C GLY B 26 3.58 19.43 -20.13
N ARG B 27 2.29 19.76 -20.02
CA ARG B 27 1.46 19.38 -18.86
CA ARG B 27 1.46 19.34 -18.87
C ARG B 27 0.20 18.67 -19.36
N ILE B 28 -0.42 17.88 -18.46
CA ILE B 28 -1.73 17.33 -18.74
C ILE B 28 -2.72 18.44 -18.42
N VAL B 29 -3.54 18.80 -19.41
CA VAL B 29 -4.48 19.87 -19.23
C VAL B 29 -5.92 19.42 -19.12
N GLU B 30 -6.22 18.21 -19.61
CA GLU B 30 -7.61 17.71 -19.59
C GLU B 30 -7.61 16.18 -19.66
N ILE B 31 -8.56 15.55 -19.01
CA ILE B 31 -8.71 14.10 -19.01
C ILE B 31 -10.22 13.86 -19.07
N GLY B 32 -10.67 13.11 -20.06
CA GLY B 32 -12.10 12.89 -20.18
C GLY B 32 -12.39 12.09 -21.41
N PRO B 33 -13.66 11.76 -21.64
CA PRO B 33 -14.06 11.07 -22.86
C PRO B 33 -14.12 12.04 -24.06
N ASN B 34 -13.91 11.50 -25.25
CA ASN B 34 -14.27 12.17 -26.48
C ASN B 34 -13.52 13.53 -26.57
N LEU B 35 -12.23 13.52 -26.24
CA LEU B 35 -11.43 14.73 -26.41
C LEU B 35 -10.90 14.83 -27.85
N SER B 36 -10.66 16.07 -28.30
CA SER B 36 -10.15 16.31 -29.68
CA SER B 36 -10.11 16.27 -29.65
C SER B 36 -9.00 17.28 -29.61
N GLY B 37 -7.94 17.00 -30.36
CA GLY B 37 -6.83 17.92 -30.46
C GLY B 37 -6.28 17.91 -31.89
N ALA B 38 -5.46 18.90 -32.20
CA ALA B 38 -4.87 19.04 -33.54
C ALA B 38 -3.99 17.80 -33.83
N GLU B 39 -3.25 17.34 -32.85
CA GLU B 39 -2.48 16.13 -33.00
C GLU B 39 -3.09 15.00 -32.15
N THR B 40 -3.26 13.83 -32.72
CA THR B 40 -3.81 12.67 -31.99
C THR B 40 -2.79 11.49 -32.01
N LEU B 41 -2.56 10.90 -30.84
CA LEU B 41 -1.75 9.67 -30.70
C LEU B 41 -2.71 8.54 -30.44
N ASP B 42 -2.66 7.52 -31.27
CA ASP B 42 -3.63 6.43 -31.19
C ASP B 42 -3.31 5.50 -30.00
N ALA B 43 -4.15 5.50 -28.95
CA ALA B 43 -3.97 4.61 -27.81
C ALA B 43 -5.03 3.52 -27.75
N THR B 44 -5.73 3.28 -28.83
CA THR B 44 -6.72 2.20 -28.88
CA THR B 44 -6.73 2.21 -28.82
C THR B 44 -6.02 0.87 -28.57
N GLY B 45 -6.60 0.08 -27.68
CA GLY B 45 -6.00 -1.23 -27.29
C GLY B 45 -4.82 -1.07 -26.33
N CYS B 46 -4.54 0.17 -25.87
CA CYS B 46 -3.36 0.43 -25.03
C CYS B 46 -3.71 0.93 -23.63
N TYR B 47 -2.69 0.89 -22.76
CA TYR B 47 -2.80 1.43 -21.40
C TYR B 47 -1.95 2.68 -21.29
N VAL B 48 -2.55 3.73 -20.77
CA VAL B 48 -1.89 5.03 -20.69
C VAL B 48 -1.48 5.27 -19.23
N MET B 49 -0.15 5.31 -19.00
CA MET B 49 0.37 5.31 -17.62
C MET B 49 1.39 6.42 -17.43
N PRO B 50 1.62 6.79 -16.16
CA PRO B 50 2.69 7.76 -15.90
C PRO B 50 4.00 7.16 -16.42
N GLY B 51 4.82 7.99 -17.06
CA GLY B 51 6.17 7.56 -17.47
C GLY B 51 6.90 6.95 -16.22
N GLY B 52 7.66 5.89 -16.46
CA GLY B 52 8.44 5.23 -15.38
C GLY B 52 9.44 6.23 -14.76
N ILE B 53 9.72 6.06 -13.46
CA ILE B 53 10.83 6.82 -12.82
C ILE B 53 11.82 5.75 -12.28
N ASP B 54 13.09 5.83 -12.72
CA ASP B 54 14.01 4.83 -12.26
C ASP B 54 15.02 5.60 -11.37
N PRO B 55 14.93 5.43 -10.02
CA PRO B 55 15.71 6.30 -9.12
C PRO B 55 17.07 5.78 -8.81
N HIS B 56 17.55 4.85 -9.62
CA HIS B 56 18.82 4.22 -9.30
C HIS B 56 19.67 4.06 -10.57
N THR B 57 20.37 5.11 -10.94
CA THR B 57 21.26 5.07 -12.13
C THR B 57 22.67 5.55 -11.81
N HIS B 58 23.63 5.14 -12.65
CA HIS B 58 25.05 5.55 -12.49
C HIS B 58 25.57 5.79 -13.88
N LEU B 59 25.19 6.92 -14.43
CA LEU B 59 25.54 7.28 -15.83
C LEU B 59 26.81 8.06 -15.84
N GLU B 60 27.73 7.69 -16.74
CA GLU B 60 29.07 8.29 -16.74
C GLU B 60 29.72 8.32 -15.31
N MET B 61 29.65 7.19 -14.62
CA MET B 61 30.03 7.17 -13.23
C MET B 61 31.52 6.88 -13.17
N PRO B 62 32.28 7.63 -12.34
CA PRO B 62 33.64 7.15 -12.04
C PRO B 62 33.58 6.05 -10.91
N PHE B 63 33.95 4.84 -11.24
CA PHE B 63 33.89 3.75 -10.23
C PHE B 63 34.92 2.67 -10.53
N MET B 64 35.64 2.24 -9.49
CA MET B 64 36.57 1.11 -9.59
C MET B 64 37.66 1.34 -10.71
N GLY B 65 38.31 2.52 -10.67
CA GLY B 65 39.47 2.82 -11.53
C GLY B 65 39.03 3.38 -12.87
N THR B 66 37.70 3.39 -13.13
CA THR B 66 37.14 3.61 -14.44
C THR B 66 35.75 4.43 -14.47
N TYR B 67 35.09 4.48 -15.67
CA TYR B 67 33.80 5.23 -16.00
C TYR B 67 32.83 4.32 -16.70
N SER B 68 31.61 4.31 -16.21
CA SER B 68 30.54 3.58 -16.88
C SER B 68 30.38 4.01 -18.37
N SER B 69 29.93 3.07 -19.19
CA SER B 69 29.91 3.28 -20.64
C SER B 69 28.57 3.79 -21.18
N ASP B 70 27.56 3.87 -20.33
CA ASP B 70 26.36 4.66 -20.68
C ASP B 70 26.44 5.96 -19.97
N ASP B 71 26.33 7.08 -20.73
CA ASP B 71 26.31 8.44 -20.15
C ASP B 71 24.88 9.01 -20.07
N PHE B 72 24.74 10.28 -19.70
CA PHE B 72 23.38 10.83 -19.52
C PHE B 72 22.55 10.74 -20.83
N GLU B 73 23.20 10.99 -21.96
CA GLU B 73 22.45 10.93 -23.24
C GLU B 73 21.99 9.49 -23.52
N SER B 74 22.91 8.51 -23.47
CA SER B 74 22.51 7.13 -23.84
C SER B 74 21.63 6.48 -22.77
N GLY B 75 21.90 6.78 -21.49
CA GLY B 75 21.06 6.27 -20.41
C GLY B 75 19.61 6.80 -20.52
N THR B 76 19.45 8.08 -20.76
CA THR B 76 18.06 8.65 -20.79
C THR B 76 17.34 8.22 -22.11
N ARG B 77 18.11 8.07 -23.18
CA ARG B 77 17.52 7.53 -24.44
C ARG B 77 17.03 6.07 -24.21
N ALA B 78 17.89 5.23 -23.59
CA ALA B 78 17.50 3.84 -23.23
C ALA B 78 16.26 3.86 -22.32
N ALA B 79 16.27 4.74 -21.32
CA ALA B 79 15.11 4.83 -20.38
C ALA B 79 13.81 5.07 -21.18
N LEU B 80 13.83 6.07 -22.06
CA LEU B 80 12.61 6.42 -22.83
C LEU B 80 12.13 5.27 -23.73
N ALA B 81 13.06 4.58 -24.36
CA ALA B 81 12.74 3.45 -25.23
C ALA B 81 12.03 2.37 -24.38
N GLY B 82 12.27 2.33 -23.07
CA GLY B 82 11.65 1.36 -22.18
C GLY B 82 10.48 1.93 -21.38
N GLY B 83 9.98 3.14 -21.73
CA GLY B 83 8.78 3.73 -21.11
C GLY B 83 9.12 4.58 -19.86
N THR B 84 10.43 4.68 -19.55
CA THR B 84 10.91 5.42 -18.41
C THR B 84 11.24 6.91 -18.82
N THR B 85 10.69 7.86 -18.06
CA THR B 85 10.74 9.30 -18.42
C THR B 85 11.54 10.15 -17.38
N MET B 86 12.05 9.50 -16.34
CA MET B 86 12.92 10.22 -15.39
C MET B 86 13.90 9.27 -14.79
N VAL B 87 15.14 9.76 -14.55
CA VAL B 87 16.15 8.96 -13.86
C VAL B 87 16.64 9.77 -12.63
N VAL B 88 17.04 9.07 -11.56
CA VAL B 88 17.74 9.74 -10.48
C VAL B 88 19.10 9.07 -10.33
N ASP B 89 20.16 9.89 -10.50
CA ASP B 89 21.49 9.42 -10.57
C ASP B 89 22.20 9.75 -9.21
N PHE B 90 23.25 9.03 -8.86
CA PHE B 90 23.98 9.31 -7.63
C PHE B 90 25.18 10.21 -7.87
N ALA B 91 25.13 11.44 -7.35
CA ALA B 91 26.31 12.33 -7.25
C ALA B 91 27.32 11.80 -6.21
N LEU B 92 28.56 11.58 -6.68
CA LEU B 92 29.53 10.77 -5.96
C LEU B 92 30.82 11.55 -5.66
N PRO B 93 30.90 12.21 -4.48
CA PRO B 93 32.16 12.92 -4.11
C PRO B 93 33.38 12.01 -3.88
N SER B 94 34.58 12.51 -4.13
CA SER B 94 35.79 11.89 -3.58
C SER B 94 36.08 12.46 -2.20
N GLY B 96 37.47 13.02 0.30
CA GLY B 96 37.29 14.26 1.07
C GLY B 96 36.90 15.51 0.26
N GLN B 97 36.43 15.29 -0.96
CA GLN B 97 35.88 16.35 -1.85
C GLN B 97 34.51 16.86 -1.39
N SER B 98 34.24 18.12 -1.67
CA SER B 98 33.06 18.81 -1.22
C SER B 98 31.78 18.16 -1.86
N LEU B 99 30.66 18.08 -1.13
CA LEU B 99 29.36 17.71 -1.76
C LEU B 99 29.01 18.72 -2.79
N LEU B 100 29.31 19.99 -2.52
CA LEU B 100 28.92 21.04 -3.48
C LEU B 100 29.72 20.96 -4.80
N GLU B 101 31.00 20.59 -4.69
CA GLU B 101 31.86 20.37 -5.87
C GLU B 101 31.39 19.18 -6.69
N ALA B 102 31.05 18.10 -5.98
CA ALA B 102 30.48 16.94 -6.64
C ALA B 102 29.16 17.28 -7.38
N LEU B 103 28.32 18.11 -6.77
CA LEU B 103 27.03 18.43 -7.38
C LEU B 103 27.34 19.22 -8.70
N THR B 104 28.27 20.17 -8.64
CA THR B 104 28.64 20.98 -9.85
C THR B 104 29.10 20.03 -11.00
N MET B 105 29.90 19.02 -10.65
CA MET B 105 30.38 18.05 -11.63
CA MET B 105 30.38 18.03 -11.61
C MET B 105 29.22 17.25 -12.28
N TRP B 106 28.21 16.88 -11.47
CA TRP B 106 27.04 16.13 -11.94
C TRP B 106 26.11 16.97 -12.79
N ASP B 107 25.88 18.22 -12.40
CA ASP B 107 25.24 19.20 -13.33
C ASP B 107 25.95 19.23 -14.68
N ASN B 108 27.29 19.25 -14.66
CA ASN B 108 28.04 19.28 -15.94
C ASN B 108 27.85 18.01 -16.83
N LYS B 109 27.72 16.83 -16.18
CA LYS B 109 27.57 15.52 -16.83
C LYS B 109 26.16 15.41 -17.50
N SER B 110 25.20 16.21 -17.04
CA SER B 110 23.79 16.01 -17.40
C SER B 110 23.22 16.93 -18.52
N THR B 111 24.13 17.60 -19.25
CA THR B 111 23.83 18.56 -20.38
C THR B 111 22.85 17.97 -21.41
N ARG B 112 22.99 16.67 -21.72
CA ARG B 112 22.73 16.14 -23.04
C ARG B 112 21.49 15.19 -22.67
N ALA B 113 21.00 15.26 -21.41
CA ALA B 113 19.83 14.43 -20.94
C ALA B 113 18.60 14.60 -21.90
N ASN B 114 18.03 13.46 -22.33
CA ASN B 114 16.80 13.41 -23.18
C ASN B 114 15.50 13.46 -22.39
N CYS B 115 15.57 13.23 -21.10
CA CYS B 115 14.38 13.26 -20.22
C CYS B 115 14.81 13.87 -18.89
N ASP B 116 13.86 14.21 -18.07
CA ASP B 116 14.24 14.86 -16.81
C ASP B 116 14.87 13.91 -15.81
N TYR B 117 15.46 14.46 -14.75
CA TYR B 117 16.55 13.79 -14.02
C TYR B 117 16.65 14.50 -12.65
N SER B 118 17.08 13.77 -11.64
CA SER B 118 17.45 14.42 -10.44
C SER B 118 18.67 13.67 -9.87
N PHE B 119 19.19 14.13 -8.74
CA PHE B 119 20.36 13.45 -8.10
C PHE B 119 20.07 13.08 -6.65
N HIS B 120 20.69 12.02 -6.22
CA HIS B 120 20.90 11.79 -4.76
C HIS B 120 22.32 12.26 -4.46
N MET B 121 22.59 12.69 -3.21
CA MET B 121 23.95 13.08 -2.87
C MET B 121 24.58 11.99 -2.02
N ALA B 122 25.74 11.47 -2.42
CA ALA B 122 26.38 10.39 -1.66
C ALA B 122 27.22 10.97 -0.53
N ILE B 123 27.09 10.38 0.64
CA ILE B 123 27.90 10.75 1.80
C ILE B 123 28.98 9.67 1.88
N THR B 124 30.15 9.99 1.32
CA THR B 124 31.23 9.03 1.13
C THR B 124 32.31 9.19 2.19
N TRP B 125 32.12 10.13 3.11
CA TRP B 125 33.02 10.30 4.24
C TRP B 125 32.29 11.17 5.23
N TRP B 126 32.85 11.38 6.42
CA TRP B 126 32.10 12.15 7.44
C TRP B 126 32.97 13.16 8.15
N GLY B 127 32.41 14.33 8.46
CA GLY B 127 33.15 15.38 9.16
C GLY B 127 32.33 16.66 9.15
N GLU B 128 32.82 17.70 9.82
CA GLU B 128 32.15 19.02 9.92
C GLU B 128 31.75 19.58 8.57
N GLN B 129 32.66 19.55 7.55
CA GLN B 129 32.28 20.04 6.20
C GLN B 129 31.02 19.36 5.62
N VAL B 130 30.99 18.02 5.72
CA VAL B 130 29.85 17.26 5.23
C VAL B 130 28.57 17.64 5.97
N PHE B 131 28.65 17.69 7.33
CA PHE B 131 27.53 18.04 8.18
C PHE B 131 26.94 19.43 7.76
N ASN B 132 27.84 20.42 7.58
CA ASN B 132 27.48 21.78 7.12
C ASN B 132 26.86 21.79 5.72
N GLU B 133 27.56 21.17 4.74
CA GLU B 133 27.07 21.12 3.35
C GLU B 133 25.75 20.39 3.14
N MET B 134 25.43 19.38 3.98
CA MET B 134 24.14 18.72 3.85
C MET B 134 22.96 19.74 3.92
N GLU B 135 23.06 20.74 4.82
CA GLU B 135 22.03 21.75 4.94
C GLU B 135 21.85 22.51 3.60
N THR B 136 22.97 22.90 2.99
CA THR B 136 22.96 23.61 1.68
C THR B 136 22.33 22.76 0.55
N ILE B 137 22.70 21.48 0.50
CA ILE B 137 22.15 20.56 -0.48
C ILE B 137 20.65 20.47 -0.34
N VAL B 138 20.15 20.33 0.88
CA VAL B 138 18.70 20.22 1.10
C VAL B 138 17.96 21.52 0.81
N LYS B 139 18.44 22.62 1.38
CA LYS B 139 17.66 23.85 1.38
C LYS B 139 17.88 24.70 0.13
N ASP B 140 19.03 24.54 -0.52
CA ASP B 140 19.36 25.45 -1.63
C ASP B 140 19.47 24.73 -2.99
N LYS B 141 19.72 23.42 -2.97
CA LYS B 141 20.06 22.66 -4.20
C LYS B 141 18.99 21.69 -4.65
N GLY B 142 17.91 21.56 -3.86
CA GLY B 142 16.71 20.82 -4.30
C GLY B 142 16.92 19.29 -4.27
N ILE B 143 17.86 18.84 -3.38
CA ILE B 143 18.18 17.42 -3.20
C ILE B 143 17.85 16.97 -1.75
N ASN B 144 16.92 16.02 -1.62
CA ASN B 144 16.48 15.62 -0.28
C ASN B 144 16.84 14.15 0.06
N THR B 145 17.83 13.58 -0.66
CA THR B 145 18.29 12.21 -0.34
C THR B 145 19.81 12.16 -0.26
N PHE B 146 20.26 11.31 0.67
CA PHE B 146 21.69 11.09 0.93
C PHE B 146 21.97 9.61 0.91
N KCX B 147 22.91 9.22 0.05
CA KCX B 147 23.26 7.81 -0.16
CB KCX B 147 23.61 7.56 -1.65
CG KCX B 147 24.21 6.18 -1.93
CD KCX B 147 23.20 5.11 -1.59
CE KCX B 147 23.57 3.72 -2.17
NZ KCX B 147 23.70 3.81 -3.62
C KCX B 147 24.49 7.46 0.73
O KCX B 147 25.46 8.23 0.79
CX KCX B 147 24.06 2.71 -4.38
OQ1 KCX B 147 24.23 2.84 -5.61
OQ2 KCX B 147 24.25 1.56 -3.89
N HIS B 148 24.40 6.32 1.39
CA HIS B 148 25.46 5.79 2.27
C HIS B 148 25.84 4.42 1.82
N PHE B 149 27.13 4.12 1.90
CA PHE B 149 27.61 2.78 1.52
C PHE B 149 28.15 2.08 2.74
N MET B 150 27.64 0.87 3.01
CA MET B 150 28.15 0.06 4.13
C MET B 150 29.22 -0.89 3.66
N ALA B 151 29.43 -0.93 2.34
CA ALA B 151 30.49 -1.74 1.78
C ALA B 151 31.43 -0.83 0.95
N TYR B 152 32.32 -1.42 0.14
CA TYR B 152 33.39 -0.66 -0.60
C TYR B 152 34.37 -0.06 0.41
N LYS B 153 34.80 -0.92 1.31
CA LYS B 153 35.82 -0.57 2.29
C LYS B 153 37.04 0.08 1.59
N GLY B 154 37.46 1.24 2.13
CA GLY B 154 38.66 1.95 1.67
C GLY B 154 38.33 2.86 0.50
N ALA B 155 37.09 2.81 0.02
CA ALA B 155 36.68 3.70 -1.10
C ALA B 155 35.48 4.60 -0.71
N LEU B 156 34.37 3.97 -0.34
CA LEU B 156 33.12 4.71 -0.19
C LEU B 156 32.44 4.46 1.15
N MET B 157 32.95 3.48 1.87
CA MET B 157 32.25 2.94 3.07
C MET B 157 32.22 3.96 4.24
N VAL B 158 31.11 4.05 4.98
CA VAL B 158 31.08 4.78 6.27
C VAL B 158 30.83 3.73 7.37
N ASP B 159 31.17 4.06 8.60
CA ASP B 159 30.94 3.14 9.72
C ASP B 159 29.64 3.50 10.53
N ASP B 160 29.35 2.75 11.59
CA ASP B 160 28.04 2.93 12.32
C ASP B 160 27.99 4.35 12.94
N ASP B 161 29.14 4.78 13.45
CA ASP B 161 29.20 6.06 14.13
C ASP B 161 28.93 7.21 13.14
N GLU B 162 29.63 7.20 12.01
CA GLU B 162 29.38 8.16 10.93
C GLU B 162 27.94 8.08 10.41
N MET B 163 27.48 6.85 10.15
CA MET B 163 26.11 6.70 9.64
C MET B 163 25.07 7.27 10.63
N PHE B 164 25.29 7.00 11.92
CA PHE B 164 24.35 7.54 12.93
C PHE B 164 24.35 9.06 12.91
N SER B 165 25.53 9.67 12.87
CA SER B 165 25.63 11.13 12.78
C SER B 165 24.91 11.66 11.53
N SER B 166 25.13 10.99 10.39
CA SER B 166 24.54 11.43 9.13
C SER B 166 23.02 11.27 9.15
N PHE B 167 22.54 10.14 9.69
CA PHE B 167 21.06 9.93 9.76
C PHE B 167 20.38 10.95 10.70
N GLN B 168 21.05 11.33 11.79
CA GLN B 168 20.53 12.38 12.67
C GLN B 168 20.41 13.71 11.94
N ARG B 169 21.43 13.99 11.17
CA ARG B 169 21.41 15.18 10.30
C ARG B 169 20.29 15.11 9.25
N CYS B 170 20.08 13.93 8.64
CA CYS B 170 19.01 13.80 7.67
C CYS B 170 17.67 14.07 8.38
N ALA B 171 17.51 13.53 9.62
CA ALA B 171 16.25 13.68 10.40
C ALA B 171 16.00 15.18 10.62
N ALA B 172 17.04 15.92 11.05
CA ALA B 172 16.92 17.36 11.33
C ALA B 172 16.56 18.16 10.08
N LEU B 173 17.06 17.72 8.91
CA LEU B 173 16.83 18.43 7.68
C LEU B 173 15.63 17.95 6.90
N GLY B 174 14.92 16.93 7.41
CA GLY B 174 13.76 16.40 6.65
C GLY B 174 14.17 15.67 5.35
N ALA B 175 15.38 15.07 5.35
CA ALA B 175 15.92 14.34 4.21
C ALA B 175 15.86 12.81 4.47
N LEU B 176 16.05 12.05 3.41
CA LEU B 176 15.87 10.60 3.47
C LEU B 176 17.25 9.95 3.19
N PRO B 177 17.77 9.14 4.15
CA PRO B 177 19.01 8.36 3.85
C PRO B 177 18.66 7.13 2.98
N LEU B 178 19.45 6.91 1.94
CA LEU B 178 19.45 5.68 1.13
C LEU B 178 20.68 4.91 1.55
N VAL B 179 20.60 3.57 1.51
CA VAL B 179 21.75 2.74 2.02
C VAL B 179 21.99 1.60 1.06
N HIS B 180 23.24 1.44 0.67
CA HIS B 180 23.76 0.22 0.03
C HIS B 180 24.15 -0.68 1.23
N ALA B 181 23.32 -1.70 1.49
CA ALA B 181 23.43 -2.49 2.69
C ALA B 181 24.15 -3.84 2.39
N GLU B 182 25.46 -3.83 2.58
CA GLU B 182 26.25 -5.11 2.70
C GLU B 182 27.30 -4.86 3.77
N ASN B 183 27.65 -5.86 4.58
CA ASN B 183 28.67 -5.65 5.58
C ASN B 183 30.07 -5.57 4.90
N GLY B 184 30.61 -4.36 4.77
CA GLY B 184 31.88 -4.13 4.02
C GLY B 184 33.11 -4.81 4.66
N ASP B 185 33.13 -4.93 5.96
CA ASP B 185 34.29 -5.58 6.61
C ASP B 185 34.33 -7.09 6.28
N VAL B 186 33.19 -7.73 6.38
CA VAL B 186 33.11 -9.17 6.02
C VAL B 186 33.40 -9.36 4.55
N VAL B 187 32.82 -8.53 3.70
CA VAL B 187 33.09 -8.64 2.24
C VAL B 187 34.59 -8.50 1.93
N ALA B 188 35.23 -7.49 2.51
CA ALA B 188 36.64 -7.22 2.18
C ALA B 188 37.51 -8.44 2.57
N GLN B 189 37.22 -8.98 3.75
CA GLN B 189 37.95 -10.21 4.17
C GLN B 189 37.67 -11.46 3.32
N LEU B 190 36.40 -11.69 2.95
CA LEU B 190 36.06 -12.83 2.11
C LEU B 190 36.68 -12.67 0.74
N GLN B 191 36.68 -11.43 0.20
CA GLN B 191 37.34 -11.22 -1.09
C GLN B 191 38.80 -11.67 -0.98
N ALA B 192 39.51 -11.19 0.08
CA ALA B 192 40.92 -11.51 0.21
C ALA B 192 41.14 -13.05 0.40
N LYS B 193 40.23 -13.68 1.13
CA LYS B 193 40.37 -15.13 1.44
C LYS B 193 40.22 -15.94 0.14
N LEU B 194 39.21 -15.60 -0.66
CA LEU B 194 38.95 -16.29 -1.95
C LEU B 194 40.18 -16.08 -2.90
N LEU B 195 40.68 -14.84 -3.01
CA LEU B 195 41.86 -14.63 -3.89
C LEU B 195 43.06 -15.43 -3.43
N ALA B 196 43.26 -15.47 -2.11
CA ALA B 196 44.40 -16.21 -1.53
C ALA B 196 44.35 -17.72 -1.85
N GLU B 197 43.14 -18.26 -1.89
CA GLU B 197 42.85 -19.65 -2.24
C GLU B 197 42.91 -19.90 -3.75
N GLY B 198 43.06 -18.85 -4.58
CA GLY B 198 43.09 -19.03 -6.02
C GLY B 198 41.69 -19.14 -6.62
N ASN B 199 40.65 -18.84 -5.82
CA ASN B 199 39.27 -18.88 -6.27
C ASN B 199 38.96 -17.42 -6.80
N SER B 200 39.47 -17.11 -8.01
CA SER B 200 39.57 -15.71 -8.45
C SER B 200 38.67 -15.39 -9.68
N GLY B 201 37.87 -16.36 -10.12
CA GLY B 201 36.99 -16.19 -11.29
C GLY B 201 35.73 -15.37 -11.00
N PRO B 202 35.01 -14.99 -12.05
CA PRO B 202 33.79 -14.13 -11.86
C PRO B 202 32.77 -14.66 -10.84
N GLU B 203 32.54 -15.97 -10.81
CA GLU B 203 31.59 -16.58 -9.84
C GLU B 203 32.03 -16.32 -8.36
N ALA B 204 33.32 -16.08 -8.12
CA ALA B 204 33.80 -15.84 -6.74
C ALA B 204 33.38 -14.45 -6.24
N HIS B 205 33.03 -13.52 -7.17
CA HIS B 205 32.41 -12.30 -6.71
C HIS B 205 31.10 -12.61 -5.85
N ALA B 206 30.23 -13.48 -6.39
CA ALA B 206 29.01 -13.93 -5.65
C ALA B 206 29.43 -14.60 -4.31
N TYR B 207 30.48 -15.45 -4.36
CA TYR B 207 30.91 -16.21 -3.18
C TYR B 207 31.40 -15.25 -2.09
N SER B 208 31.98 -14.12 -2.52
CA SER B 208 32.58 -13.18 -1.59
C SER B 208 31.56 -12.37 -0.78
N ARG B 209 30.29 -12.41 -1.20
CA ARG B 209 29.31 -11.59 -0.48
C ARG B 209 27.94 -12.30 -0.42
N PRO B 210 27.89 -13.37 0.35
CA PRO B 210 26.64 -14.15 0.39
C PRO B 210 25.43 -13.33 0.92
N ALA B 211 24.21 -13.84 0.66
CA ALA B 211 22.98 -13.10 1.03
C ALA B 211 22.95 -12.67 2.51
N GLU B 212 23.46 -13.51 3.42
CA GLU B 212 23.44 -13.13 4.86
C GLU B 212 24.11 -11.80 5.15
N VAL B 213 25.16 -11.44 4.37
CA VAL B 213 25.93 -10.18 4.56
CA VAL B 213 25.90 -10.19 4.63
C VAL B 213 25.04 -8.95 4.25
N GLU B 214 24.21 -9.07 3.23
CA GLU B 214 23.24 -8.00 2.90
C GLU B 214 22.10 -7.94 3.93
N GLY B 215 21.55 -9.09 4.33
CA GLY B 215 20.48 -9.10 5.32
C GLY B 215 20.95 -8.45 6.67
N GLU B 216 22.16 -8.76 7.08
CA GLU B 216 22.72 -8.17 8.34
C GLU B 216 22.80 -6.64 8.21
N ALA B 217 23.42 -6.17 7.13
CA ALA B 217 23.66 -4.72 6.91
C ALA B 217 22.33 -3.98 6.81
N ALA B 218 21.33 -4.57 6.13
CA ALA B 218 19.99 -3.91 6.06
C ALA B 218 19.36 -3.77 7.47
N ASN B 219 19.46 -4.82 8.26
CA ASN B 219 18.88 -4.80 9.60
C ASN B 219 19.56 -3.67 10.43
N ARG B 220 20.86 -3.55 10.26
CA ARG B 220 21.72 -2.62 11.07
C ARG B 220 21.35 -1.19 10.62
N ALA B 221 21.25 -0.96 9.30
CA ALA B 221 20.84 0.41 8.82
C ALA B 221 19.43 0.81 9.36
N ILE B 222 18.52 -0.18 9.38
CA ILE B 222 17.17 0.05 9.91
C ILE B 222 17.22 0.46 11.40
N MET B 223 18.02 -0.24 12.21
CA MET B 223 18.11 0.09 13.63
C MET B 223 18.63 1.55 13.79
N ILE B 224 19.67 1.91 13.01
CA ILE B 224 20.32 3.23 13.14
C ILE B 224 19.29 4.34 12.77
N ALA B 225 18.55 4.09 11.71
CA ALA B 225 17.52 5.10 11.26
C ALA B 225 16.39 5.21 12.33
N ASP B 226 15.96 4.05 12.91
CA ASP B 226 14.96 4.07 13.99
C ASP B 226 15.49 4.95 15.15
N MET B 227 16.77 4.76 15.51
CA MET B 227 17.35 5.53 16.66
C MET B 227 17.45 7.02 16.27
N ALA B 228 17.75 7.28 15.01
CA ALA B 228 17.83 8.65 14.53
C ALA B 228 16.49 9.38 14.29
N GLY B 229 15.39 8.63 14.18
CA GLY B 229 14.04 9.20 13.91
C GLY B 229 13.85 9.67 12.48
N CYS B 230 14.45 8.95 11.51
CA CYS B 230 14.19 9.26 10.08
C CYS B 230 13.78 7.93 9.42
N PRO B 231 12.98 8.00 8.33
CA PRO B 231 12.76 6.81 7.51
C PRO B 231 14.09 6.42 6.86
N VAL B 232 14.14 5.25 6.24
CA VAL B 232 15.37 4.83 5.55
C VAL B 232 14.96 4.01 4.34
N TYR B 233 15.76 4.13 3.29
CA TYR B 233 15.45 3.42 2.00
C TYR B 233 16.62 2.46 1.69
N ILE B 234 16.28 1.15 1.57
CA ILE B 234 17.28 0.14 1.32
C ILE B 234 17.34 -0.09 -0.19
N VAL B 235 18.40 0.40 -0.84
CA VAL B 235 18.52 0.28 -2.29
C VAL B 235 18.78 -1.23 -2.66
N HIS B 236 18.43 -1.62 -3.89
CA HIS B 236 18.71 -2.96 -4.40
C HIS B 236 18.59 -4.08 -3.34
N THR B 237 17.38 -4.24 -2.82
CA THR B 237 17.08 -5.37 -1.97
CA THR B 237 17.05 -5.37 -1.97
C THR B 237 16.99 -6.63 -2.87
N SER B 238 17.92 -7.58 -2.66
CA SER B 238 18.15 -8.70 -3.61
C SER B 238 17.76 -10.06 -3.09
N CYS B 239 17.54 -10.17 -1.77
CA CYS B 239 17.41 -11.50 -1.14
C CYS B 239 16.38 -11.51 -0.02
N GLU B 240 15.94 -12.72 0.35
CA GLU B 240 14.95 -12.90 1.44
CA GLU B 240 14.92 -12.84 1.40
C GLU B 240 15.47 -12.33 2.76
N GLN B 241 16.77 -12.44 2.99
CA GLN B 241 17.32 -11.95 4.30
C GLN B 241 17.13 -10.42 4.46
N ALA B 242 17.44 -9.68 3.40
CA ALA B 242 17.19 -8.23 3.41
C ALA B 242 15.71 -7.91 3.44
N HIS B 243 14.91 -8.63 2.63
CA HIS B 243 13.48 -8.44 2.68
C HIS B 243 12.92 -8.70 4.09
N GLU B 244 13.37 -9.78 4.73
CA GLU B 244 12.82 -10.17 6.08
C GLU B 244 13.12 -9.02 7.08
N ALA B 245 14.30 -8.44 6.97
CA ALA B 245 14.70 -7.33 7.90
C ALA B 245 13.73 -6.12 7.72
N ILE B 246 13.43 -5.83 6.46
CA ILE B 246 12.49 -4.74 6.14
C ILE B 246 11.11 -5.09 6.67
N ARG B 247 10.63 -6.32 6.38
CA ARG B 247 9.29 -6.75 6.83
C ARG B 247 9.18 -6.68 8.37
N ARG B 248 10.20 -7.13 9.06
CA ARG B 248 10.17 -7.19 10.50
C ARG B 248 10.15 -5.75 11.08
N ALA B 249 10.94 -4.88 10.49
CA ALA B 249 10.93 -3.41 10.90
C ALA B 249 9.56 -2.77 10.63
N ARG B 250 9.01 -3.04 9.42
CA ARG B 250 7.71 -2.43 9.05
C ARG B 250 6.57 -2.98 9.96
N ALA B 251 6.66 -4.26 10.35
CA ALA B 251 5.68 -4.86 11.30
C ALA B 251 5.74 -4.20 12.67
N LYS B 252 6.90 -3.57 12.98
CA LYS B 252 7.01 -2.79 14.23
C LYS B 252 6.57 -1.31 14.00
N GLY B 253 6.15 -1.01 12.80
CA GLY B 253 5.68 0.36 12.51
C GLY B 253 6.79 1.25 11.95
N MET B 254 8.01 0.68 11.73
CA MET B 254 9.14 1.51 11.27
C MET B 254 8.94 1.93 9.83
N ARG B 255 9.46 3.12 9.46
CA ARG B 255 9.27 3.67 8.12
C ARG B 255 10.49 3.24 7.25
N VAL B 256 10.38 2.09 6.59
CA VAL B 256 11.55 1.54 5.91
C VAL B 256 11.06 1.21 4.49
N PHE B 257 11.78 1.71 3.49
CA PHE B 257 11.42 1.40 2.09
C PHE B 257 12.40 0.43 1.51
N GLY B 258 11.94 -0.37 0.58
CA GLY B 258 12.80 -1.35 -0.07
C GLY B 258 12.66 -1.31 -1.60
N GLU B 259 13.80 -1.49 -2.29
CA GLU B 259 13.87 -1.32 -3.79
C GLU B 259 14.50 -2.54 -4.46
N PRO B 260 13.66 -3.52 -4.89
CA PRO B 260 14.26 -4.64 -5.69
C PRO B 260 14.58 -4.18 -7.14
N LEU B 261 15.75 -4.55 -7.59
CA LEU B 261 16.11 -4.36 -9.00
C LEU B 261 15.36 -5.38 -9.88
N ILE B 262 15.02 -4.95 -11.09
CA ILE B 262 14.44 -5.90 -12.11
C ILE B 262 15.35 -7.14 -12.35
N GLN B 263 16.66 -6.93 -12.28
CA GLN B 263 17.63 -8.05 -12.41
C GLN B 263 17.39 -9.10 -11.30
N HIS B 264 17.13 -8.65 -10.06
CA HIS B 264 16.95 -9.57 -8.96
C HIS B 264 15.56 -10.21 -8.93
N LEU B 265 14.62 -9.65 -9.68
CA LEU B 265 13.29 -10.25 -9.78
C LEU B 265 13.29 -11.37 -10.83
N THR B 266 14.20 -11.30 -11.81
CA THR B 266 14.04 -12.10 -13.07
C THR B 266 15.33 -12.82 -13.53
N LEU B 267 16.47 -12.54 -12.90
CA LEU B 267 17.74 -13.22 -13.29
C LEU B 267 18.31 -13.90 -12.07
N ASP B 268 19.26 -14.83 -12.25
CA ASP B 268 19.77 -15.54 -11.06
C ASP B 268 21.25 -15.94 -11.18
N GLU B 269 21.83 -16.47 -10.07
CA GLU B 269 23.26 -16.67 -9.94
C GLU B 269 23.78 -17.74 -10.87
N THR B 270 22.89 -18.57 -11.47
CA THR B 270 23.43 -19.59 -12.42
C THR B 270 24.11 -18.99 -13.63
N GLU B 271 23.85 -17.70 -13.94
CA GLU B 271 24.59 -16.99 -14.97
C GLU B 271 26.11 -17.02 -14.70
N TYR B 272 26.49 -16.99 -13.41
CA TYR B 272 27.94 -16.93 -13.02
C TYR B 272 28.63 -18.29 -13.25
N PHE B 273 27.83 -19.34 -13.42
CA PHE B 273 28.35 -20.72 -13.59
C PHE B 273 28.52 -21.10 -15.07
N ASP B 274 28.18 -20.16 -15.95
CA ASP B 274 28.32 -20.39 -17.35
C ASP B 274 29.79 -20.63 -17.67
N LYS B 275 30.02 -21.57 -18.60
CA LYS B 275 31.38 -21.93 -19.05
C LYS B 275 32.14 -20.85 -19.79
N ASP B 276 31.41 -19.86 -20.29
CA ASP B 276 32.01 -18.76 -21.02
C ASP B 276 32.37 -17.67 -20.01
N TRP B 277 33.64 -17.31 -19.95
CA TRP B 277 34.12 -16.33 -18.94
C TRP B 277 33.36 -14.99 -19.10
N ASP B 278 33.30 -14.47 -20.33
CA ASP B 278 32.61 -13.18 -20.56
C ASP B 278 31.15 -13.23 -20.08
N HIS B 279 30.42 -14.32 -20.41
CA HIS B 279 29.03 -14.44 -20.03
C HIS B 279 28.91 -14.21 -18.52
N ALA B 280 29.73 -14.91 -17.75
CA ALA B 280 29.68 -14.81 -16.25
C ALA B 280 30.12 -13.42 -15.74
N ALA B 281 31.21 -12.89 -16.30
CA ALA B 281 31.77 -11.58 -15.80
C ALA B 281 30.80 -10.44 -16.10
N ARG B 282 30.13 -10.52 -17.26
CA ARG B 282 29.17 -9.46 -17.66
C ARG B 282 28.09 -9.25 -16.61
N ARG B 283 27.75 -10.30 -15.86
CA ARG B 283 26.65 -10.19 -14.89
C ARG B 283 27.14 -9.82 -13.48
N VAL B 284 28.44 -9.57 -13.32
CA VAL B 284 28.96 -9.21 -12.01
C VAL B 284 28.45 -7.81 -11.64
N MET B 285 27.77 -7.74 -10.48
CA MET B 285 27.33 -6.50 -9.89
C MET B 285 27.19 -6.76 -8.39
N SER B 286 26.96 -5.68 -7.63
CA SER B 286 26.79 -5.78 -6.17
C SER B 286 25.45 -5.10 -5.77
N PRO B 287 24.56 -5.82 -5.09
CA PRO B 287 24.70 -7.23 -4.73
C PRO B 287 24.61 -8.13 -6.00
N PRO B 288 25.27 -9.30 -5.96
CA PRO B 288 25.29 -10.20 -7.11
C PRO B 288 23.87 -10.78 -7.42
N PHE B 289 23.69 -11.30 -8.61
CA PHE B 289 22.52 -12.15 -8.86
C PHE B 289 22.56 -13.27 -7.80
N ARG B 290 21.38 -13.64 -7.33
CA ARG B 290 21.22 -14.57 -6.20
C ARG B 290 20.65 -15.91 -6.65
N ASN B 291 20.70 -16.89 -5.76
CA ASN B 291 19.89 -18.10 -5.96
C ASN B 291 18.44 -17.71 -6.37
N LYS B 292 17.92 -18.37 -7.44
CA LYS B 292 16.56 -18.11 -7.96
C LYS B 292 15.47 -18.21 -6.88
N LEU B 293 15.73 -18.99 -5.85
CA LEU B 293 14.72 -19.15 -4.71
C LEU B 293 14.37 -17.80 -4.09
N HIS B 294 15.26 -16.80 -4.18
CA HIS B 294 14.95 -15.50 -3.55
C HIS B 294 13.92 -14.66 -4.33
N GLN B 295 13.71 -14.98 -5.62
CA GLN B 295 12.85 -14.11 -6.43
C GLN B 295 11.43 -14.01 -5.91
N ASP B 296 10.90 -15.15 -5.48
CA ASP B 296 9.47 -15.21 -5.03
C ASP B 296 9.23 -14.25 -3.84
N SER B 297 10.20 -14.16 -2.91
CA SER B 297 10.10 -13.24 -1.77
C SER B 297 9.98 -11.75 -2.23
N LEU B 298 10.79 -11.40 -3.23
CA LEU B 298 10.79 -10.01 -3.73
C LEU B 298 9.47 -9.71 -4.43
N TRP B 299 9.03 -10.62 -5.29
CA TRP B 299 7.75 -10.42 -5.98
C TRP B 299 6.61 -10.28 -4.94
N ALA B 300 6.62 -11.14 -3.91
CA ALA B 300 5.55 -11.05 -2.87
C ALA B 300 5.54 -9.63 -2.21
N GLY B 301 6.74 -9.10 -1.99
CA GLY B 301 6.94 -7.75 -1.38
C GLY B 301 6.29 -6.67 -2.21
N LEU B 302 6.41 -6.77 -3.55
CA LEU B 302 5.76 -5.83 -4.47
CA LEU B 302 5.77 -5.80 -4.44
C LEU B 302 4.25 -5.90 -4.38
N ALA B 303 3.72 -7.12 -4.28
CA ALA B 303 2.25 -7.32 -4.18
C ALA B 303 1.71 -6.82 -2.85
N SER B 304 2.49 -6.93 -1.76
CA SER B 304 1.91 -6.76 -0.40
C SER B 304 2.28 -5.39 0.15
N GLY B 305 3.22 -4.70 -0.54
CA GLY B 305 3.58 -3.31 -0.15
C GLY B 305 4.79 -3.19 0.78
N SER B 306 5.47 -4.33 1.10
CA SER B 306 6.67 -4.31 1.92
C SER B 306 7.94 -3.90 1.09
N LEU B 307 7.85 -3.97 -0.25
CA LEU B 307 8.89 -3.42 -1.19
C LEU B 307 8.07 -2.52 -2.12
N GLN B 308 8.59 -1.34 -2.41
CA GLN B 308 7.76 -0.30 -3.03
C GLN B 308 8.22 0.17 -4.37
N VAL B 309 9.47 -0.10 -4.70
CA VAL B 309 10.05 0.58 -5.90
C VAL B 309 10.89 -0.38 -6.69
N VAL B 310 10.64 -0.47 -8.00
CA VAL B 310 11.49 -1.31 -8.86
C VAL B 310 12.49 -0.37 -9.63
N ALA B 311 13.76 -0.72 -9.58
CA ALA B 311 14.82 0.08 -10.25
C ALA B 311 15.83 -0.79 -11.00
N THR B 312 16.89 -0.19 -11.53
CA THR B 312 17.87 -0.98 -12.29
C THR B 312 19.32 -0.92 -11.78
N ASP B 313 19.66 0.15 -11.00
CA ASP B 313 21.07 0.36 -10.61
C ASP B 313 21.94 0.36 -11.93
N HIS B 314 21.42 1.07 -12.95
CA HIS B 314 22.01 1.03 -14.27
C HIS B 314 23.47 1.54 -14.28
N CYS B 315 24.38 0.59 -14.43
CA CYS B 315 25.79 0.94 -14.47
C CYS B 315 26.39 -0.02 -15.51
N ALA B 316 26.61 0.49 -16.72
CA ALA B 316 26.96 -0.34 -17.86
C ALA B 316 28.43 -0.24 -18.22
N PHE B 317 29.05 -1.41 -18.43
CA PHE B 317 30.45 -1.56 -18.82
C PHE B 317 30.55 -2.45 -20.05
N THR B 318 31.47 -2.10 -20.96
CA THR B 318 31.68 -2.93 -22.14
C THR B 318 32.30 -4.28 -21.72
N THR B 319 32.24 -5.26 -22.64
CA THR B 319 32.95 -6.53 -22.36
C THR B 319 34.46 -6.23 -22.08
N GLU B 320 35.04 -5.27 -22.84
CA GLU B 320 36.48 -4.95 -22.64
C GLU B 320 36.76 -4.49 -21.17
N GLN B 321 35.90 -3.61 -20.68
CA GLN B 321 35.96 -3.16 -19.28
C GLN B 321 35.76 -4.31 -18.30
N LYS B 322 34.77 -5.20 -18.54
CA LYS B 322 34.56 -6.32 -17.64
C LYS B 322 35.83 -7.20 -17.59
N ARG B 323 36.48 -7.35 -18.75
CA ARG B 323 37.79 -8.10 -18.85
C ARG B 323 38.95 -7.50 -18.05
N PHE B 324 38.79 -6.30 -17.47
CA PHE B 324 39.81 -5.75 -16.58
CA PHE B 324 39.85 -5.79 -16.63
C PHE B 324 40.06 -6.75 -15.44
N GLY B 325 39.01 -7.49 -15.13
CA GLY B 325 39.02 -8.44 -14.02
C GLY B 325 39.40 -9.87 -14.31
N VAL B 326 39.93 -10.14 -15.49
CA VAL B 326 40.49 -11.45 -15.76
C VAL B 326 41.53 -11.79 -14.66
N GLY B 327 41.34 -12.95 -13.98
CA GLY B 327 42.29 -13.40 -12.94
C GLY B 327 42.04 -12.79 -11.56
N ASP B 328 41.08 -11.86 -11.42
CA ASP B 328 40.80 -11.20 -10.12
C ASP B 328 39.40 -10.56 -10.16
N PHE B 329 38.44 -11.28 -9.62
CA PHE B 329 37.03 -10.83 -9.65
C PHE B 329 36.82 -9.46 -8.99
N THR B 330 37.70 -9.07 -8.04
CA THR B 330 37.56 -7.74 -7.39
C THR B 330 37.87 -6.62 -8.35
N ARG B 331 38.43 -6.97 -9.51
CA ARG B 331 38.80 -5.96 -10.52
C ARG B 331 37.81 -5.89 -11.70
N ILE B 332 36.77 -6.72 -11.66
CA ILE B 332 35.72 -6.66 -12.66
C ILE B 332 34.81 -5.49 -12.26
N PRO B 333 34.67 -4.46 -13.13
CA PRO B 333 33.74 -3.35 -12.73
C PRO B 333 32.35 -3.87 -12.49
N ASN B 334 31.77 -3.42 -11.39
CA ASN B 334 30.47 -3.99 -10.91
C ASN B 334 29.35 -3.25 -11.58
N GLY B 335 28.42 -3.96 -12.24
CA GLY B 335 27.28 -3.29 -12.72
C GLY B 335 26.73 -3.92 -13.92
N THR B 336 25.42 -3.87 -14.01
CA THR B 336 24.76 -4.29 -15.23
C THR B 336 23.82 -3.10 -15.52
N GLY B 337 23.41 -3.02 -16.79
CA GLY B 337 22.44 -2.03 -17.24
C GLY B 337 21.04 -2.65 -17.26
N GLY B 338 20.02 -1.83 -17.28
CA GLY B 338 18.64 -2.35 -17.33
C GLY B 338 17.63 -1.29 -17.65
N LEU B 339 18.08 -0.04 -17.85
CA LEU B 339 17.11 1.06 -17.95
C LEU B 339 15.99 0.75 -18.96
N GLU B 340 16.41 0.31 -20.14
CA GLU B 340 15.41 0.11 -21.23
C GLU B 340 14.52 -1.13 -20.99
N ASP B 341 14.99 -2.04 -20.15
CA ASP B 341 14.31 -3.35 -20.02
C ASP B 341 13.48 -3.46 -18.76
N ARG B 342 13.58 -2.46 -17.89
CA ARG B 342 12.86 -2.53 -16.60
C ARG B 342 11.33 -2.69 -16.75
N MET B 343 10.69 -1.70 -17.37
CA MET B 343 9.26 -1.77 -17.48
C MET B 343 8.80 -2.97 -18.37
N PRO B 344 9.45 -3.21 -19.54
CA PRO B 344 9.06 -4.36 -20.36
C PRO B 344 9.15 -5.70 -19.60
N MET B 345 10.25 -5.93 -18.88
CA MET B 345 10.36 -7.17 -18.10
C MET B 345 9.28 -7.26 -16.99
N LEU B 346 9.11 -6.15 -16.25
CA LEU B 346 8.21 -6.14 -15.10
C LEU B 346 6.79 -6.39 -15.62
N TRP B 347 6.47 -5.79 -16.75
CA TRP B 347 5.08 -5.98 -17.33
C TRP B 347 4.82 -7.44 -17.74
N THR B 348 5.75 -7.99 -18.52
CA THR B 348 5.55 -9.38 -19.00
C THR B 348 5.56 -10.40 -17.88
N TYR B 349 6.51 -10.26 -16.94
CA TYR B 349 6.66 -11.28 -15.90
C TYR B 349 5.87 -10.97 -14.63
N GLY B 350 5.36 -9.75 -14.52
CA GLY B 350 4.61 -9.31 -13.32
C GLY B 350 3.13 -9.10 -13.63
N VAL B 351 2.83 -8.30 -14.64
CA VAL B 351 1.39 -7.95 -14.92
C VAL B 351 0.69 -9.05 -15.73
N ALA B 352 1.33 -9.49 -16.79
CA ALA B 352 0.67 -10.49 -17.69
C ALA B 352 0.46 -11.83 -16.92
N THR B 353 1.32 -12.11 -15.94
CA THR B 353 1.21 -13.34 -15.12
C THR B 353 0.19 -13.20 -13.96
N GLY B 354 -0.26 -11.98 -13.69
CA GLY B 354 -1.17 -11.73 -12.53
C GLY B 354 -0.44 -11.56 -11.20
N ARG B 355 0.91 -11.54 -11.20
CA ARG B 355 1.69 -11.40 -9.91
C ARG B 355 1.43 -10.01 -9.26
N ILE B 356 1.21 -9.01 -10.12
CA ILE B 356 0.83 -7.67 -9.69
C ILE B 356 -0.26 -7.13 -10.61
N THR B 357 -1.15 -6.27 -10.07
CA THR B 357 -2.15 -5.62 -10.89
C THR B 357 -1.48 -4.54 -11.73
N MET B 358 -2.22 -4.03 -12.71
CA MET B 358 -1.70 -2.86 -13.48
C MET B 358 -1.50 -1.63 -12.56
N ASN B 359 -2.39 -1.45 -11.57
CA ASN B 359 -2.21 -0.31 -10.64
C ASN B 359 -0.95 -0.45 -9.80
N GLU B 360 -0.70 -1.65 -9.35
CA GLU B 360 0.56 -1.94 -8.61
C GLU B 360 1.79 -1.74 -9.51
N PHE B 361 1.66 -2.14 -10.78
CA PHE B 361 2.73 -1.91 -11.75
C PHE B 361 3.06 -0.40 -11.84
N VAL B 362 2.04 0.43 -11.93
CA VAL B 362 2.31 1.91 -11.92
C VAL B 362 2.94 2.35 -10.56
N ALA B 363 2.37 1.88 -9.45
CA ALA B 363 2.89 2.23 -8.10
C ALA B 363 4.46 1.96 -8.03
N VAL B 364 4.88 0.74 -8.46
CA VAL B 364 6.28 0.33 -8.22
C VAL B 364 7.20 0.78 -9.37
N THR B 365 6.61 1.35 -10.44
CA THR B 365 7.49 1.88 -11.52
C THR B 365 7.55 3.42 -11.60
N SER B 366 6.63 4.11 -10.92
CA SER B 366 6.70 5.59 -10.90
C SER B 366 6.12 6.23 -9.62
N THR B 367 4.83 5.92 -9.29
CA THR B 367 4.17 6.71 -8.27
C THR B 367 4.81 6.62 -6.89
N ASN B 368 5.21 5.40 -6.49
CA ASN B 368 5.74 5.26 -5.12
C ASN B 368 7.02 6.08 -4.95
N ILE B 369 7.89 6.01 -5.95
CA ILE B 369 9.16 6.69 -5.81
C ILE B 369 8.89 8.24 -5.88
N ALA B 370 7.93 8.63 -6.72
CA ALA B 370 7.61 10.07 -6.82
C ALA B 370 7.18 10.55 -5.41
N LYS B 371 6.37 9.72 -4.69
CA LYS B 371 5.89 10.13 -3.34
C LYS B 371 7.05 10.11 -2.29
N ILE B 372 7.91 9.10 -2.42
CA ILE B 372 9.04 8.93 -1.53
C ILE B 372 10.01 10.13 -1.68
N LEU B 373 10.19 10.61 -2.90
CA LEU B 373 11.16 11.73 -3.16
C LEU B 373 10.44 13.10 -3.06
N ASN B 374 9.15 13.06 -2.72
CA ASN B 374 8.36 14.25 -2.49
C ASN B 374 8.11 15.08 -3.79
N ILE B 375 8.03 14.41 -4.91
CA ILE B 375 7.75 15.14 -6.21
C ILE B 375 6.48 14.65 -6.88
N TYR B 376 5.56 14.06 -6.08
CA TYR B 376 4.24 13.72 -6.60
C TYR B 376 3.27 14.89 -6.24
N PRO B 377 2.40 15.33 -7.16
CA PRO B 377 2.05 14.78 -8.46
C PRO B 377 2.71 15.49 -9.66
N LYS B 378 3.75 16.28 -9.46
CA LYS B 378 4.48 16.78 -10.64
C LYS B 378 4.92 15.61 -11.53
N LYS B 379 5.55 14.61 -10.89
CA LYS B 379 5.95 13.33 -11.55
C LYS B 379 5.15 12.14 -10.98
N GLY B 380 5.07 11.04 -11.73
CA GLY B 380 4.44 9.81 -11.25
C GLY B 380 2.89 9.86 -11.29
N ALA B 381 2.30 10.87 -11.97
CA ALA B 381 0.81 11.00 -11.89
C ALA B 381 0.21 11.08 -13.29
N ILE B 382 -1.05 10.65 -13.42
CA ILE B 382 -1.87 11.17 -14.52
C ILE B 382 -3.02 11.96 -13.87
N LEU B 383 -2.80 13.27 -13.75
CA LEU B 383 -3.74 14.16 -13.18
C LEU B 383 -3.61 15.49 -13.92
N VAL B 384 -4.69 16.22 -14.00
CA VAL B 384 -4.60 17.62 -14.57
C VAL B 384 -3.56 18.45 -13.80
N GLY B 385 -2.64 19.10 -14.53
CA GLY B 385 -1.56 19.92 -13.94
C GLY B 385 -0.24 19.19 -13.78
N ALA B 386 -0.27 17.85 -13.80
CA ALA B 386 0.96 16.96 -13.76
C ALA B 386 1.83 17.15 -15.03
N ASP B 387 3.15 16.93 -14.95
CA ASP B 387 3.98 16.89 -16.20
C ASP B 387 3.45 15.79 -17.06
N ALA B 388 3.48 16.04 -18.39
CA ALA B 388 3.03 15.08 -19.37
C ALA B 388 4.18 14.10 -19.69
N ASP B 389 4.63 13.40 -18.64
CA ASP B 389 5.60 12.30 -18.73
C ASP B 389 4.70 11.09 -18.78
N LEU B 390 4.63 10.49 -19.95
CA LEU B 390 3.58 9.46 -20.19
C LEU B 390 4.12 8.34 -21.05
N VAL B 391 3.61 7.12 -20.80
CA VAL B 391 3.89 6.04 -21.73
C VAL B 391 2.55 5.49 -22.22
N VAL B 392 2.43 5.33 -23.54
CA VAL B 392 1.25 4.61 -24.10
C VAL B 392 1.76 3.21 -24.36
N TRP B 393 1.23 2.30 -23.58
CA TRP B 393 1.75 0.93 -23.53
C TRP B 393 0.88 -0.05 -24.34
N ASP B 394 1.48 -0.67 -25.35
CA ASP B 394 0.73 -1.57 -26.22
C ASP B 394 0.94 -2.98 -25.66
N PRO B 395 -0.11 -3.57 -25.04
CA PRO B 395 0.12 -4.86 -24.37
C PRO B 395 0.41 -6.04 -25.34
N LYS B 396 0.26 -5.80 -26.66
CA LYS B 396 0.44 -6.84 -27.70
C LYS B 396 1.75 -6.67 -28.46
N ARG B 397 2.44 -5.54 -28.30
CA ARG B 397 3.70 -5.25 -29.05
C ARG B 397 4.82 -6.07 -28.38
N SER B 398 5.46 -6.93 -29.16
CA SER B 398 6.39 -7.89 -28.56
C SER B 398 7.75 -7.90 -29.25
N LYS B 399 8.77 -8.34 -28.50
CA LYS B 399 10.10 -8.52 -29.07
C LYS B 399 10.88 -9.52 -28.23
N THR B 400 11.97 -10.04 -28.80
CA THR B 400 12.98 -10.71 -27.99
C THR B 400 14.05 -9.66 -27.69
N ILE B 401 14.37 -9.50 -26.42
CA ILE B 401 15.37 -8.51 -26.01
C ILE B 401 16.74 -8.92 -26.55
N SER B 402 17.43 -7.99 -27.17
CA SER B 402 18.73 -8.30 -27.78
C SER B 402 19.66 -7.09 -27.75
N ALA B 403 20.96 -7.34 -27.50
CA ALA B 403 21.96 -6.28 -27.63
C ALA B 403 22.03 -5.74 -29.09
N LYS B 404 21.59 -6.53 -30.09
CA LYS B 404 21.62 -6.05 -31.43
C LYS B 404 20.63 -4.90 -31.66
N THR B 405 19.57 -4.80 -30.85
CA THR B 405 18.57 -3.76 -31.04
C THR B 405 18.41 -2.78 -29.87
N GLN B 406 19.30 -2.81 -28.90
CA GLN B 406 19.12 -1.95 -27.74
C GLN B 406 19.65 -0.52 -27.92
N GLN B 407 19.22 0.37 -27.03
CA GLN B 407 19.71 1.76 -27.02
C GLN B 407 21.04 1.93 -26.30
N SER B 408 21.28 1.09 -25.29
CA SER B 408 22.53 1.12 -24.50
C SER B 408 23.77 1.03 -25.35
N ALA B 409 24.83 1.78 -24.98
CA ALA B 409 26.00 1.87 -25.81
C ALA B 409 26.90 0.62 -25.70
N ILE B 410 26.63 -0.27 -24.75
CA ILE B 410 27.53 -1.43 -24.57
C ILE B 410 27.13 -2.57 -25.53
N ASP B 411 27.96 -3.60 -25.56
CA ASP B 411 27.85 -4.58 -26.59
C ASP B 411 27.05 -5.84 -26.21
N TYR B 412 26.50 -5.88 -25.02
CA TYR B 412 25.69 -7.05 -24.59
C TYR B 412 24.51 -6.53 -23.76
N ASN B 413 23.63 -7.45 -23.38
CA ASN B 413 22.45 -7.11 -22.61
C ASN B 413 22.19 -8.34 -21.69
N VAL B 414 22.05 -8.13 -20.36
CA VAL B 414 21.90 -9.31 -19.47
C VAL B 414 20.50 -9.94 -19.61
N PHE B 415 19.57 -9.23 -20.28
CA PHE B 415 18.26 -9.76 -20.63
C PHE B 415 18.21 -10.41 -22.03
N GLU B 416 19.41 -10.62 -22.63
CA GLU B 416 19.48 -11.18 -23.99
C GLU B 416 18.57 -12.43 -24.09
N GLY B 417 17.74 -12.47 -25.12
CA GLY B 417 16.94 -13.65 -25.40
C GLY B 417 15.60 -13.74 -24.62
N LYS B 418 15.36 -12.83 -23.70
CA LYS B 418 14.06 -12.83 -22.98
C LYS B 418 12.95 -12.24 -23.93
N THR B 419 11.81 -12.90 -23.98
CA THR B 419 10.69 -12.40 -24.75
CA THR B 419 10.71 -12.41 -24.75
C THR B 419 9.86 -11.51 -23.89
N VAL B 420 9.45 -10.37 -24.45
CA VAL B 420 8.53 -9.46 -23.72
C VAL B 420 7.37 -9.17 -24.67
N THR B 421 6.16 -9.10 -24.11
CA THR B 421 4.99 -8.79 -24.87
C THR B 421 4.31 -7.70 -24.05
N GLY B 422 4.26 -6.48 -24.62
CA GLY B 422 3.93 -5.26 -23.89
C GLY B 422 5.11 -4.32 -23.91
N LEU B 423 4.99 -3.28 -24.75
CA LEU B 423 6.10 -2.34 -25.00
C LEU B 423 5.48 -0.98 -25.30
N PRO B 424 6.27 0.11 -25.11
CA PRO B 424 5.79 1.43 -25.49
C PRO B 424 5.40 1.54 -26.96
N ARG B 425 4.20 2.04 -27.19
CA ARG B 425 3.81 2.56 -28.48
C ARG B 425 4.32 3.99 -28.59
N PHE B 426 4.17 4.78 -27.49
CA PHE B 426 4.76 6.12 -27.42
C PHE B 426 5.34 6.34 -26.04
N THR B 427 6.39 7.15 -25.98
CA THR B 427 6.83 7.70 -24.70
C THR B 427 6.98 9.18 -24.88
N LEU B 428 6.34 9.90 -23.96
CA LEU B 428 6.39 11.37 -23.94
C LEU B 428 7.12 11.83 -22.71
N THR B 429 8.00 12.79 -22.89
CA THR B 429 8.67 13.47 -21.78
C THR B 429 8.26 14.95 -21.84
N ARG B 430 7.54 15.39 -20.80
CA ARG B 430 6.86 16.72 -20.76
C ARG B 430 6.28 17.01 -22.14
N GLY B 431 5.51 16.05 -22.63
CA GLY B 431 4.67 16.24 -23.84
C GLY B 431 5.42 16.05 -25.15
N VAL B 432 6.77 15.91 -25.08
CA VAL B 432 7.62 15.68 -26.29
C VAL B 432 7.63 14.17 -26.64
N VAL B 433 7.01 13.82 -27.78
CA VAL B 433 6.96 12.37 -28.18
C VAL B 433 8.37 11.96 -28.65
N SER B 434 9.02 11.15 -27.84
CA SER B 434 10.41 10.83 -28.03
C SER B 434 10.66 9.44 -28.59
N ILE B 435 9.63 8.60 -28.54
CA ILE B 435 9.64 7.21 -29.03
C ILE B 435 8.28 6.97 -29.66
N GLU B 436 8.27 6.49 -30.91
CA GLU B 436 7.05 5.95 -31.55
C GLU B 436 7.36 4.54 -32.04
N GLU B 437 6.89 3.55 -31.27
CA GLU B 437 7.17 2.14 -31.57
C GLU B 437 8.72 1.96 -31.71
N GLY B 438 9.22 1.43 -32.78
CA GLY B 438 10.74 1.37 -32.82
C GLY B 438 11.47 2.62 -33.28
N THR B 439 10.74 3.73 -33.44
CA THR B 439 11.38 4.92 -33.94
C THR B 439 11.82 5.76 -32.77
N VAL B 440 13.15 5.95 -32.68
CA VAL B 440 13.71 6.77 -31.60
C VAL B 440 13.90 8.18 -32.08
N LYS B 441 13.25 9.15 -31.40
CA LYS B 441 13.38 10.56 -31.82
C LYS B 441 13.55 11.44 -30.57
N THR B 442 14.57 11.09 -29.81
CA THR B 442 14.90 11.80 -28.57
C THR B 442 15.57 13.16 -28.83
N GLN B 443 15.42 14.10 -27.89
CA GLN B 443 15.98 15.47 -28.05
C GLN B 443 17.04 15.72 -27.00
N GLU B 444 18.32 15.68 -27.40
CA GLU B 444 19.43 15.91 -26.44
C GLU B 444 19.24 17.26 -25.79
N GLY B 445 19.40 17.32 -24.47
CA GLY B 445 19.28 18.57 -23.68
C GLY B 445 17.83 18.94 -23.31
N HIS B 446 16.85 18.18 -23.79
CA HIS B 446 15.47 18.43 -23.39
C HIS B 446 15.24 18.27 -21.87
N GLY B 447 15.90 17.25 -21.26
CA GLY B 447 15.73 16.90 -19.85
C GLY B 447 16.23 18.01 -18.97
N GLU B 448 15.52 18.25 -17.87
CA GLU B 448 15.82 19.31 -16.95
C GLU B 448 15.92 18.69 -15.55
N PHE B 449 16.69 19.35 -14.72
CA PHE B 449 16.84 18.91 -13.29
C PHE B 449 15.50 19.14 -12.53
N VAL B 450 15.10 18.12 -11.78
CA VAL B 450 13.86 18.22 -10.96
C VAL B 450 14.25 18.51 -9.50
N ARG B 451 13.82 19.65 -9.01
CA ARG B 451 14.12 20.13 -7.63
C ARG B 451 13.15 19.42 -6.68
N ARG B 452 13.66 19.02 -5.53
CA ARG B 452 12.81 18.37 -4.53
C ARG B 452 12.91 19.04 -3.14
N ASP B 453 11.77 19.11 -2.46
CA ASP B 453 11.63 19.77 -1.15
C ASP B 453 11.75 18.72 -0.05
N PRO B 454 12.28 19.12 1.15
CA PRO B 454 12.38 18.19 2.27
C PRO B 454 11.04 18.03 3.01
N PHE B 455 11.02 17.17 4.04
CA PHE B 455 9.83 16.97 4.96
C PHE B 455 8.54 16.50 4.23
N PRO B 456 8.59 15.33 3.58
CA PRO B 456 7.31 14.73 3.19
C PRO B 456 6.52 14.32 4.46
N ALA B 457 5.25 14.01 4.28
CA ALA B 457 4.33 13.69 5.42
C ALA B 457 4.92 12.58 6.32
N VAL B 458 5.48 11.54 5.72
CA VAL B 458 5.96 10.39 6.50
C VAL B 458 7.07 10.86 7.53
N SER B 459 7.92 11.78 7.09
CA SER B 459 9.05 12.26 7.94
C SER B 459 8.50 13.13 9.11
N THR B 460 7.60 14.03 8.79
CA THR B 460 6.94 14.90 9.79
C THR B 460 6.19 14.07 10.87
N ALA B 461 5.42 13.07 10.42
CA ALA B 461 4.64 12.23 11.36
C ALA B 461 5.60 11.43 12.27
N LEU B 462 6.68 10.88 11.68
CA LEU B 462 7.58 10.07 12.45
C LEU B 462 8.22 10.94 13.54
N SER B 463 8.58 12.18 13.20
CA SER B 463 9.23 13.08 14.21
C SER B 463 8.26 13.35 15.37
N THR B 464 6.98 13.58 15.05
CA THR B 464 5.96 13.79 16.06
C THR B 464 5.85 12.55 16.95
N TRP B 465 5.85 11.35 16.33
CA TRP B 465 5.64 10.11 17.13
C TRP B 465 6.81 9.87 18.08
N LYS B 466 8.03 10.20 17.63
CA LYS B 466 9.23 10.07 18.43
C LYS B 466 9.17 11.01 19.65
N GLU B 467 8.59 12.17 19.44
CA GLU B 467 8.45 13.16 20.54
C GLU B 467 7.39 12.68 21.53
N VAL B 468 6.29 12.09 21.02
CA VAL B 468 5.20 11.61 21.90
C VAL B 468 5.79 10.53 22.81
N THR B 469 6.67 9.73 22.25
CA THR B 469 7.20 8.52 22.97
C THR B 469 8.55 8.69 23.65
N ALA B 470 9.09 9.90 23.60
CA ALA B 470 10.42 10.16 24.16
C ALA B 470 10.47 9.87 25.68
N PRO B 471 11.50 9.13 26.13
CA PRO B 471 11.58 8.80 27.58
C PRO B 471 11.94 10.01 28.42
N ARG B 472 11.30 10.14 29.58
CA ARG B 472 11.50 11.28 30.49
C ARG B 472 12.21 10.92 31.75
N ALA B 473 12.92 11.89 32.29
CA ALA B 473 13.59 11.77 33.54
C ALA B 473 12.58 11.47 34.63
N VAL B 474 12.99 10.69 35.62
CA VAL B 474 12.17 10.51 36.84
C VAL B 474 12.42 11.68 37.77
N GLN B 475 11.36 12.32 38.24
CA GLN B 475 11.55 13.37 39.26
C GLN B 475 11.84 12.82 40.66
N ARG B 476 12.97 13.20 41.24
CA ARG B 476 13.33 12.75 42.58
C ARG B 476 13.58 13.94 43.54
N SER B 477 13.58 13.70 44.84
CA SER B 477 13.97 14.68 45.88
C SER B 477 15.50 14.82 46.07
ZN ZN C . -18.04 -10.80 14.00
ZN ZN D . -19.87 -7.90 13.11
C ACT E . -15.26 -8.17 -4.88
O ACT E . -16.07 -8.16 -5.83
OXT ACT E . -14.41 -9.16 -4.89
CH3 ACT E . -15.31 -7.00 -3.85
C1 GOL F . 3.63 1.29 16.55
O1 GOL F . 2.50 0.63 17.06
C2 GOL F . 3.37 2.77 16.17
O2 GOL F . 2.02 3.12 15.76
C3 GOL F . 4.32 2.89 14.99
O3 GOL F . 3.63 2.22 13.91
C1 GOL G . 5.67 6.96 12.98
O1 GOL G . 5.07 7.95 12.25
C2 GOL G . 5.35 5.62 12.33
O2 GOL G . 6.39 4.80 12.74
C3 GOL G . 4.28 5.25 13.31
O3 GOL G . 3.42 4.46 12.68
C1 GOL H . -0.32 -11.39 -5.85
O1 GOL H . 0.93 -11.76 -6.36
C2 GOL H . -1.37 -12.53 -5.90
O2 GOL H . -0.96 -13.61 -5.10
C3 GOL H . -1.66 -13.04 -7.34
O3 GOL H . -2.33 -12.00 -8.00
ZN ZN I . 24.83 -0.21 -4.39
ZN ZN J . 23.93 1.69 -7.21
C ACT K . -3.86 -7.13 -18.11
O ACT K . -2.98 -8.05 -18.47
OXT ACT K . -3.76 -6.08 -18.77
CH3 ACT K . -4.94 -7.19 -17.04
C1 GOL L . 2.49 -14.04 -5.28
O1 GOL L . 2.78 -12.72 -4.83
C2 GOL L . 3.72 -14.44 -6.09
O2 GOL L . 4.18 -13.30 -6.84
C3 GOL L . 4.68 -14.97 -4.95
O3 GOL L . 6.05 -14.54 -5.09
#